data_4AG4
#
_entry.id   4AG4
#
_cell.length_a   102.510
_cell.length_b   251.480
_cell.length_c   75.370
_cell.angle_alpha   90.00
_cell.angle_beta   90.00
_cell.angle_gamma   90.00
#
_symmetry.space_group_name_H-M   'C 2 2 21'
#
loop_
_entity.id
_entity.type
_entity.pdbx_description
1 polymer 'EPITHELIAL DISCOIDIN DOMAIN-CONTAINING RECEPTOR 1'
2 polymer 'MONOCLONAL ANTIBODY 3E3 HEAVY CHAIN'
3 polymer 'MONOCLONAL ANTIBODY 3E3 LIGHT CHAIN'
4 branched 2-acetamido-2-deoxy-beta-D-glucopyranose-(1-4)-2-acetamido-2-deoxy-beta-D-glucopyranose
5 non-polymer 'CALCIUM ION'
6 water water
#
loop_
_entity_poly.entity_id
_entity_poly.type
_entity_poly.pdbx_seq_one_letter_code
_entity_poly.pdbx_strand_id
1 'polypeptide(L)'
;APLAKCRYALGMQDRTIPDSDISASSSWSDSTAARHSRLESSDGDGAWCPAGSVFPKEEEYLQVDLQRLHLVALVGTQGR
HAGGLGKEFSRSYRLRYSRDGRRWMGWKDRWGQEVISGNEDPEGVVLKDLGPPMVARLVRFYPRADRVMSVCLRVELYGC
LWRDGLLSYTAPVGQTMYLSEAVYLNDSTYDGHTVGGLQYGGLGQLADGVVGLDDFRKSQELRVWPGYDYVGWSNHSFSS
GYVEMEFEFDRLRAFQAMQVHCNNMHTLGARLPGGVECRFRRGPAMAWEGEPMRHNLGGNLGDPRARAVSVPLGGRVARF
LQCRFLFAGPWLLFSEISFISDAAAHHHHHH
;
A
2 'polypeptide(L)'
;QVQLQESGAELVRPGASVKLSCKASGYTFSISWINWVKQRPGQGLEWIGNIYPSGGYTNYNQKFKDKATLTVDKSSNTAY
IQLSSPTSEDSAVYYCTRGYGHLDYWGQGTTLTVSAAKTTPPSVYPLAPGSAAQTNSMVTLGCLVKGYFPEPVTVTWNSG
SLSSGVHTFPAVLQSDLYSLSSSVTVPSSTWPSETVTCNVAHPASSTKVDKKIVP
;
H
3 'polypeptide(L)'
;DIQLTQSPALMSASPGEKVTMTCSASSSVTFMYWYQQKPRSSPKPWIYLTSNLASGVPARFSGSGSGTSYSLTISSMEAE
DAATYYCQQWSSNPYTFGGGTKLELKRADAAPTVSIFPPSSEQLTSGGASVVCFLNNFYPKDINVKWKIDGSERQNGVLN
SWTDQDSKDSTYSMSSTLTLTKDEYERHNSYTCEATHKTSTSPIVKSFNRNEC
;
L
#
loop_
_chem_comp.id
_chem_comp.type
_chem_comp.name
_chem_comp.formula
CA non-polymer 'CALCIUM ION' 'Ca 2'
NAG D-saccharide, beta linking 2-acetamido-2-deoxy-beta-D-glucopyranose 'C8 H15 N O6'
#
# COMPACT_ATOMS: atom_id res chain seq x y z
N LYS A 5 -18.93 5.77 12.52
CA LYS A 5 -20.09 5.89 11.60
C LYS A 5 -20.71 4.51 11.35
N CYS A 6 -21.38 3.97 12.35
CA CYS A 6 -22.00 2.67 12.26
C CYS A 6 -23.39 2.68 12.88
N ARG A 7 -24.31 3.38 12.23
CA ARG A 7 -25.68 3.52 12.71
C ARG A 7 -26.76 3.54 11.62
N TYR A 8 -26.52 2.88 10.50
CA TYR A 8 -27.48 2.84 9.40
C TYR A 8 -28.65 1.90 9.69
N ALA A 9 -29.86 2.33 9.35
CA ALA A 9 -31.02 1.49 9.56
C ALA A 9 -30.73 0.25 8.70
N LEU A 10 -30.88 -0.93 9.28
CA LEU A 10 -30.57 -2.14 8.56
C LEU A 10 -31.62 -2.73 7.60
N GLY A 11 -32.80 -2.16 7.52
CA GLY A 11 -33.75 -2.72 6.57
C GLY A 11 -35.21 -2.98 6.89
N MET A 12 -35.63 -2.86 8.14
CA MET A 12 -37.04 -3.12 8.47
C MET A 12 -37.95 -2.14 7.73
N GLN A 13 -37.95 -0.88 8.17
CA GLN A 13 -38.76 0.15 7.53
C GLN A 13 -38.32 0.13 6.07
N ASP A 14 -37.01 0.17 5.89
CA ASP A 14 -36.33 0.17 4.60
C ASP A 14 -36.81 -0.85 3.54
N ARG A 15 -37.15 -2.06 3.99
CA ARG A 15 -37.61 -3.15 3.12
C ARG A 15 -36.48 -4.08 2.64
N THR A 16 -35.24 -3.69 2.86
CA THR A 16 -34.08 -4.51 2.47
C THR A 16 -34.25 -5.91 3.04
N ILE A 17 -34.64 -5.96 4.31
CA ILE A 17 -34.87 -7.23 4.97
C ILE A 17 -36.20 -7.73 4.44
N PRO A 18 -36.20 -8.89 3.78
CA PRO A 18 -37.43 -9.48 3.21
C PRO A 18 -38.27 -10.26 4.23
N ASP A 19 -39.58 -10.31 4.01
CA ASP A 19 -40.49 -11.04 4.90
C ASP A 19 -39.90 -12.36 5.36
N SER A 20 -39.40 -13.14 4.41
CA SER A 20 -38.81 -14.43 4.68
C SER A 20 -37.82 -14.41 5.85
N ASP A 21 -37.11 -13.28 6.03
CA ASP A 21 -36.15 -13.17 7.11
C ASP A 21 -36.71 -12.70 8.45
N ILE A 22 -38.03 -12.51 8.52
CA ILE A 22 -38.64 -12.07 9.75
C ILE A 22 -39.64 -13.11 10.19
N SER A 23 -39.29 -13.83 11.25
CA SER A 23 -40.15 -14.85 11.80
C SER A 23 -40.58 -14.39 13.19
N ALA A 24 -41.24 -15.26 13.93
CA ALA A 24 -41.69 -14.95 15.27
C ALA A 24 -42.08 -16.28 15.88
N SER A 25 -42.44 -16.30 17.15
CA SER A 25 -42.81 -17.57 17.76
C SER A 25 -44.33 -17.77 17.71
N SER A 26 -45.05 -16.79 17.17
CA SER A 26 -46.51 -16.88 17.06
C SER A 26 -47.19 -15.54 16.86
N SER A 27 -48.25 -15.52 16.05
CA SER A 27 -49.02 -14.31 15.80
C SER A 27 -50.45 -14.50 16.27
N TRP A 28 -51.04 -13.43 16.80
CA TRP A 28 -52.42 -13.46 17.28
C TRP A 28 -53.34 -13.82 16.12
N SER A 29 -53.04 -13.22 14.97
CA SER A 29 -53.80 -13.45 13.77
C SER A 29 -52.84 -13.19 12.64
N ASP A 30 -53.33 -13.30 11.41
CA ASP A 30 -52.47 -13.07 10.26
C ASP A 30 -52.40 -11.57 9.98
N SER A 31 -53.16 -10.80 10.73
CA SER A 31 -53.15 -9.36 10.55
C SER A 31 -52.04 -8.80 11.46
N THR A 32 -51.57 -9.65 12.36
CA THR A 32 -50.50 -9.27 13.27
C THR A 32 -49.33 -10.27 13.16
N ALA A 33 -48.89 -10.51 11.94
CA ALA A 33 -47.79 -11.44 11.72
C ALA A 33 -46.44 -10.72 11.72
N ALA A 34 -45.38 -11.50 11.83
CA ALA A 34 -44.02 -10.96 11.85
C ALA A 34 -43.81 -9.89 10.79
N ARG A 35 -44.22 -10.19 9.56
CA ARG A 35 -44.07 -9.27 8.44
C ARG A 35 -44.64 -7.88 8.68
N HIS A 36 -45.40 -7.71 9.76
CA HIS A 36 -46.00 -6.41 10.05
C HIS A 36 -45.26 -5.65 11.13
N SER A 37 -44.09 -6.16 11.51
CA SER A 37 -43.31 -5.55 12.57
C SER A 37 -42.30 -4.51 12.07
N ARG A 38 -42.45 -4.08 10.83
CA ARG A 38 -41.53 -3.07 10.30
C ARG A 38 -41.84 -1.70 10.90
N LEU A 39 -40.79 -1.03 11.40
CA LEU A 39 -40.92 0.28 12.01
C LEU A 39 -41.61 1.24 11.05
N GLU A 40 -42.55 2.01 11.60
CA GLU A 40 -43.29 3.00 10.82
C GLU A 40 -44.21 2.43 9.74
N SER A 41 -44.47 1.13 9.78
CA SER A 41 -45.34 0.53 8.77
C SER A 41 -46.76 0.27 9.26
N SER A 42 -47.71 0.40 8.35
CA SER A 42 -49.12 0.19 8.67
C SER A 42 -49.65 -1.14 8.13
N ASP A 43 -48.84 -1.87 7.38
CA ASP A 43 -49.23 -3.17 6.83
C ASP A 43 -49.98 -3.97 7.88
N GLY A 44 -50.80 -4.92 7.45
CA GLY A 44 -51.55 -5.74 8.38
C GLY A 44 -52.34 -4.88 9.36
N ASP A 45 -52.62 -5.42 10.53
CA ASP A 45 -53.35 -4.67 11.53
C ASP A 45 -52.47 -3.87 12.48
N GLY A 46 -51.51 -3.13 11.91
CA GLY A 46 -50.63 -2.31 12.73
C GLY A 46 -49.24 -2.79 13.11
N ALA A 47 -49.08 -4.07 13.47
CA ALA A 47 -47.77 -4.57 13.87
C ALA A 47 -47.80 -6.07 14.20
N TRP A 48 -46.77 -6.53 14.91
CA TRP A 48 -46.70 -7.92 15.31
C TRP A 48 -47.16 -8.01 16.75
N CYS A 49 -47.89 -9.07 17.08
CA CYS A 49 -48.37 -9.26 18.44
C CYS A 49 -48.37 -10.75 18.72
N PRO A 50 -47.73 -11.19 19.81
CA PRO A 50 -47.69 -12.62 20.13
C PRO A 50 -49.07 -13.25 20.20
N ALA A 51 -49.14 -14.55 19.97
CA ALA A 51 -50.41 -15.27 20.03
C ALA A 51 -50.80 -15.40 21.48
N GLY A 52 -50.07 -16.25 22.19
CA GLY A 52 -50.34 -16.46 23.61
C GLY A 52 -49.92 -15.24 24.39
N SER A 53 -50.50 -15.10 25.58
CA SER A 53 -50.17 -13.97 26.44
C SER A 53 -48.76 -14.14 26.97
N VAL A 54 -48.01 -13.05 27.00
CA VAL A 54 -46.63 -13.10 27.49
C VAL A 54 -46.65 -13.15 29.02
N PHE A 55 -47.29 -14.19 29.55
CA PHE A 55 -47.43 -14.45 30.99
C PHE A 55 -46.09 -14.42 31.73
N PRO A 56 -46.09 -14.75 33.03
CA PRO A 56 -44.81 -14.73 33.75
C PRO A 56 -43.69 -15.34 32.93
N LYS A 57 -44.04 -16.34 32.12
CA LYS A 57 -43.06 -16.99 31.25
C LYS A 57 -42.77 -15.99 30.13
N GLU A 58 -41.51 -15.78 29.82
CA GLU A 58 -41.14 -14.83 28.77
C GLU A 58 -40.43 -15.60 27.66
N GLU A 59 -41.25 -16.20 26.79
CA GLU A 59 -40.76 -17.01 25.69
C GLU A 59 -41.19 -16.55 24.30
N GLU A 60 -42.14 -15.62 24.22
CA GLU A 60 -42.60 -15.10 22.94
C GLU A 60 -41.52 -14.17 22.40
N TYR A 61 -41.37 -14.12 21.08
CA TYR A 61 -40.34 -13.26 20.49
C TYR A 61 -40.49 -13.06 18.99
N LEU A 62 -39.81 -12.05 18.48
CA LEU A 62 -39.79 -11.72 17.06
C LEU A 62 -38.34 -11.96 16.66
N GLN A 63 -38.11 -12.51 15.47
CA GLN A 63 -36.73 -12.77 15.05
C GLN A 63 -36.36 -12.14 13.70
N VAL A 64 -35.19 -11.51 13.65
CA VAL A 64 -34.74 -10.88 12.43
C VAL A 64 -33.40 -11.42 11.98
N ASP A 65 -33.37 -11.93 10.75
CA ASP A 65 -32.17 -12.48 10.17
C ASP A 65 -31.54 -11.44 9.25
N LEU A 66 -30.35 -10.97 9.62
CA LEU A 66 -29.67 -9.96 8.84
C LEU A 66 -28.83 -10.55 7.73
N GLN A 67 -28.76 -11.89 7.71
CA GLN A 67 -28.02 -12.66 6.71
C GLN A 67 -26.50 -12.65 6.87
N ARG A 68 -25.91 -11.46 6.87
CA ARG A 68 -24.47 -11.32 7.03
C ARG A 68 -24.18 -10.78 8.45
N LEU A 69 -22.98 -11.01 8.97
CA LEU A 69 -22.62 -10.51 10.29
C LEU A 69 -22.67 -8.99 10.29
N HIS A 70 -23.33 -8.42 11.30
CA HIS A 70 -23.47 -6.96 11.44
C HIS A 70 -23.11 -6.50 12.84
N LEU A 71 -22.61 -5.28 12.94
CA LEU A 71 -22.33 -4.69 14.24
C LEU A 71 -23.60 -3.86 14.53
N VAL A 72 -24.54 -4.44 15.28
CA VAL A 72 -25.78 -3.75 15.65
C VAL A 72 -25.45 -2.88 16.85
N ALA A 73 -25.65 -1.57 16.72
CA ALA A 73 -25.35 -0.67 17.81
C ALA A 73 -26.60 -0.05 18.41
N LEU A 74 -27.73 -0.19 17.72
CA LEU A 74 -28.99 0.37 18.20
C LEU A 74 -30.23 -0.36 17.71
N VAL A 75 -31.33 -0.15 18.41
CA VAL A 75 -32.60 -0.74 18.02
C VAL A 75 -33.68 0.25 18.39
N GLY A 76 -34.74 0.26 17.61
CA GLY A 76 -35.85 1.16 17.87
C GLY A 76 -37.10 0.32 17.90
N THR A 77 -38.02 0.64 18.80
CA THR A 77 -39.27 -0.11 18.90
C THR A 77 -40.43 0.85 18.75
N GLN A 78 -41.60 0.24 18.56
CA GLN A 78 -42.81 0.99 18.35
C GLN A 78 -43.98 0.11 18.77
N GLY A 79 -45.16 0.70 18.87
CA GLY A 79 -46.34 -0.06 19.24
C GLY A 79 -47.26 -0.15 18.03
N ARG A 80 -48.37 -0.86 18.17
CA ARG A 80 -49.32 -0.99 17.07
C ARG A 80 -50.16 0.27 16.93
N HIS A 81 -49.73 1.20 16.09
CA HIS A 81 -50.48 2.44 15.91
C HIS A 81 -51.80 2.18 15.21
N ALA A 82 -51.73 1.46 14.09
CA ALA A 82 -52.91 1.09 13.31
C ALA A 82 -53.93 2.24 13.12
N GLY A 83 -53.62 3.15 12.20
CA GLY A 83 -54.52 4.26 11.92
C GLY A 83 -54.60 5.29 13.03
N GLY A 84 -54.65 4.83 14.28
CA GLY A 84 -54.74 5.72 15.41
C GLY A 84 -55.60 5.09 16.49
N LEU A 85 -56.24 3.98 16.13
CA LEU A 85 -57.11 3.25 17.03
C LEU A 85 -56.38 2.12 17.77
N GLY A 86 -55.09 1.99 17.50
CA GLY A 86 -54.29 0.98 18.18
C GLY A 86 -53.99 1.47 19.59
N LYS A 87 -53.96 0.58 20.56
CA LYS A 87 -53.70 0.97 21.93
C LYS A 87 -52.75 0.01 22.65
N GLU A 88 -52.08 -0.86 21.89
CA GLU A 88 -51.14 -1.83 22.47
C GLU A 88 -49.70 -1.60 22.05
N PHE A 89 -48.78 -1.96 22.94
CA PHE A 89 -47.34 -1.81 22.71
C PHE A 89 -46.53 -2.51 23.81
N SER A 90 -45.25 -2.77 23.56
CA SER A 90 -44.42 -3.43 24.55
C SER A 90 -43.68 -2.39 25.38
N ARG A 91 -43.94 -2.40 26.69
CA ARG A 91 -43.33 -1.46 27.61
C ARG A 91 -41.85 -1.74 27.88
N SER A 92 -41.44 -3.00 27.76
CA SER A 92 -40.05 -3.38 28.00
C SER A 92 -39.77 -4.69 27.27
N TYR A 93 -38.48 -5.01 27.10
CA TYR A 93 -38.09 -6.23 26.39
C TYR A 93 -36.62 -6.61 26.59
N ARG A 94 -36.31 -7.87 26.31
CA ARG A 94 -34.94 -8.40 26.40
C ARG A 94 -34.45 -8.70 24.96
N LEU A 95 -33.15 -8.83 24.78
CA LEU A 95 -32.60 -9.12 23.45
C LEU A 95 -31.66 -10.33 23.50
N ARG A 96 -31.72 -11.14 22.46
CA ARG A 96 -30.83 -12.30 22.32
C ARG A 96 -30.33 -12.26 20.87
N TYR A 97 -29.05 -12.52 20.67
CA TYR A 97 -28.52 -12.47 19.32
C TYR A 97 -27.70 -13.73 19.05
N SER A 98 -27.37 -13.95 17.78
CA SER A 98 -26.60 -15.13 17.43
C SER A 98 -25.77 -14.86 16.18
N ARG A 99 -24.67 -15.59 16.04
CA ARG A 99 -23.78 -15.45 14.90
C ARG A 99 -23.78 -16.71 14.03
N ASP A 100 -23.82 -17.87 14.67
CA ASP A 100 -23.84 -19.14 13.92
C ASP A 100 -25.25 -19.73 13.81
N GLY A 101 -26.24 -19.07 14.39
CA GLY A 101 -27.61 -19.55 14.30
C GLY A 101 -27.98 -20.74 15.18
N ARG A 102 -27.01 -21.25 15.93
CA ARG A 102 -27.24 -22.40 16.82
C ARG A 102 -27.01 -21.98 18.27
N ARG A 103 -26.03 -21.10 18.49
CA ARG A 103 -25.71 -20.62 19.84
C ARG A 103 -26.21 -19.21 20.09
N TRP A 104 -27.22 -19.08 20.95
CA TRP A 104 -27.78 -17.78 21.28
C TRP A 104 -27.19 -17.20 22.56
N MET A 105 -27.15 -15.87 22.62
CA MET A 105 -26.61 -15.18 23.77
C MET A 105 -27.56 -14.07 24.20
N GLY A 106 -27.58 -13.75 25.49
CA GLY A 106 -28.45 -12.69 25.94
C GLY A 106 -27.68 -11.39 25.99
N TRP A 107 -28.29 -10.31 25.50
CA TRP A 107 -27.61 -9.03 25.53
C TRP A 107 -27.77 -8.46 26.93
N LYS A 108 -26.67 -7.95 27.50
CA LYS A 108 -26.69 -7.34 28.83
C LYS A 108 -25.81 -6.09 28.71
N ASP A 109 -26.25 -4.96 29.24
CA ASP A 109 -25.42 -3.76 29.11
C ASP A 109 -24.22 -3.74 30.04
N ARG A 110 -23.37 -2.72 29.87
CA ARG A 110 -22.14 -2.57 30.66
C ARG A 110 -22.33 -2.64 32.19
N TRP A 111 -23.57 -2.41 32.63
CA TRP A 111 -23.88 -2.41 34.05
C TRP A 111 -24.74 -3.59 34.46
N GLY A 112 -24.65 -4.66 33.69
CA GLY A 112 -25.40 -5.88 33.99
C GLY A 112 -26.90 -5.88 33.81
N GLN A 113 -27.50 -4.87 33.19
CA GLN A 113 -28.96 -4.89 33.01
C GLN A 113 -29.46 -5.44 31.68
N GLU A 114 -30.28 -6.48 31.76
CA GLU A 114 -30.86 -7.14 30.59
C GLU A 114 -32.07 -6.43 30.00
N VAL A 115 -32.99 -6.01 30.85
CA VAL A 115 -34.20 -5.34 30.37
C VAL A 115 -33.92 -3.99 29.74
N ILE A 116 -34.67 -3.68 28.69
CA ILE A 116 -34.54 -2.42 27.99
C ILE A 116 -35.88 -1.71 28.08
N SER A 117 -35.91 -0.55 28.73
CA SER A 117 -37.14 0.20 28.85
C SER A 117 -37.59 0.53 27.44
N GLY A 118 -38.79 0.08 27.07
CA GLY A 118 -39.31 0.32 25.73
C GLY A 118 -40.20 1.52 25.50
N ASN A 119 -41.36 1.27 24.90
CA ASN A 119 -42.34 2.30 24.55
C ASN A 119 -43.27 2.81 25.63
N GLU A 120 -43.92 3.93 25.34
CA GLU A 120 -44.86 4.56 26.27
C GLU A 120 -46.23 4.76 25.64
N ASP A 121 -46.28 4.64 24.32
CA ASP A 121 -47.54 4.77 23.58
C ASP A 121 -47.36 3.98 22.29
N PRO A 122 -48.43 3.79 21.51
CA PRO A 122 -48.31 3.03 20.26
C PRO A 122 -47.55 3.76 19.15
N GLU A 123 -47.78 5.06 19.02
CA GLU A 123 -47.15 5.87 17.98
C GLU A 123 -45.62 6.01 18.00
N GLY A 124 -45.12 6.74 18.99
CA GLY A 124 -43.69 7.02 19.11
C GLY A 124 -42.65 5.95 18.93
N VAL A 125 -41.46 6.37 18.50
CA VAL A 125 -40.31 5.49 18.27
C VAL A 125 -39.26 5.69 19.35
N VAL A 126 -39.00 4.66 20.15
CA VAL A 126 -37.98 4.74 21.20
C VAL A 126 -36.70 4.07 20.75
N LEU A 127 -35.59 4.81 20.76
CA LEU A 127 -34.29 4.26 20.33
C LEU A 127 -33.50 3.81 21.55
N LYS A 128 -32.68 2.77 21.38
CA LYS A 128 -31.87 2.27 22.48
C LYS A 128 -30.42 2.10 22.09
N ASP A 129 -29.55 2.77 22.85
CA ASP A 129 -28.10 2.70 22.59
C ASP A 129 -27.52 1.42 23.17
N LEU A 130 -27.24 0.47 22.28
CA LEU A 130 -26.69 -0.79 22.73
C LEU A 130 -25.23 -0.67 23.13
N GLY A 131 -25.02 -0.45 24.42
CA GLY A 131 -23.68 -0.35 24.97
C GLY A 131 -23.56 -1.52 25.93
N PRO A 132 -22.77 -2.56 25.62
CA PRO A 132 -21.95 -2.69 24.42
C PRO A 132 -22.81 -3.11 23.23
N PRO A 133 -22.32 -2.86 22.01
CA PRO A 133 -23.09 -3.24 20.83
C PRO A 133 -22.92 -4.76 20.66
N MET A 134 -23.66 -5.35 19.73
CA MET A 134 -23.54 -6.78 19.54
C MET A 134 -23.20 -7.12 18.11
N VAL A 135 -22.30 -8.08 17.93
CA VAL A 135 -21.94 -8.53 16.59
C VAL A 135 -22.86 -9.73 16.36
N ALA A 136 -23.84 -9.56 15.47
CA ALA A 136 -24.78 -10.63 15.23
C ALA A 136 -25.22 -10.89 13.78
N ARG A 137 -25.90 -12.01 13.59
CA ARG A 137 -26.43 -12.38 12.31
C ARG A 137 -27.93 -12.36 12.51
N LEU A 138 -28.35 -12.98 13.59
CA LEU A 138 -29.75 -13.05 13.95
C LEU A 138 -29.99 -12.29 15.26
N VAL A 139 -31.13 -11.61 15.33
CA VAL A 139 -31.50 -10.87 16.53
C VAL A 139 -32.94 -11.18 16.93
N ARG A 140 -33.14 -11.53 18.21
CA ARG A 140 -34.46 -11.83 18.74
C ARG A 140 -34.92 -10.80 19.76
N PHE A 141 -36.18 -10.39 19.65
CA PHE A 141 -36.79 -9.44 20.59
C PHE A 141 -37.81 -10.23 21.43
N TYR A 142 -37.59 -10.31 22.74
CA TYR A 142 -38.54 -11.03 23.59
C TYR A 142 -39.44 -10.05 24.34
N PRO A 143 -40.60 -9.71 23.77
CA PRO A 143 -41.53 -8.79 24.41
C PRO A 143 -41.69 -9.14 25.87
N ARG A 144 -41.84 -8.13 26.69
CA ARG A 144 -42.00 -8.32 28.13
C ARG A 144 -43.32 -7.73 28.59
N ALA A 145 -44.01 -8.48 29.45
CA ALA A 145 -45.30 -8.05 30.02
C ALA A 145 -45.21 -8.39 31.50
N ASP A 146 -45.61 -7.46 32.36
CA ASP A 146 -45.56 -7.68 33.81
C ASP A 146 -46.94 -7.96 34.40
N ARG A 147 -47.96 -7.77 33.57
CA ARG A 147 -49.37 -8.00 33.90
C ARG A 147 -49.94 -8.61 32.62
N VAL A 148 -51.20 -9.01 32.61
CA VAL A 148 -51.74 -9.60 31.39
C VAL A 148 -52.20 -8.54 30.39
N MET A 149 -51.27 -7.83 29.76
CA MET A 149 -51.66 -6.81 28.77
C MET A 149 -51.14 -7.17 27.36
N SER A 150 -52.01 -7.08 26.35
CA SER A 150 -51.65 -7.42 24.96
C SER A 150 -50.55 -6.57 24.32
N VAL A 151 -49.34 -7.16 24.25
CA VAL A 151 -48.19 -6.48 23.68
C VAL A 151 -48.09 -6.64 22.18
N CYS A 152 -47.35 -5.73 21.56
CA CYS A 152 -47.11 -5.77 20.13
C CYS A 152 -45.79 -5.04 19.87
N LEU A 153 -45.11 -5.40 18.79
CA LEU A 153 -43.85 -4.76 18.45
C LEU A 153 -43.79 -4.33 17.01
N ARG A 154 -42.87 -3.43 16.76
CA ARG A 154 -42.59 -2.90 15.43
C ARG A 154 -41.13 -2.52 15.72
N VAL A 155 -40.19 -3.08 14.98
CA VAL A 155 -38.79 -2.80 15.26
C VAL A 155 -37.97 -2.22 14.12
N GLU A 156 -36.72 -1.90 14.45
CA GLU A 156 -35.75 -1.38 13.49
C GLU A 156 -34.39 -1.70 14.10
N LEU A 157 -33.41 -2.04 13.26
CA LEU A 157 -32.06 -2.33 13.73
C LEU A 157 -31.08 -1.34 13.08
N TYR A 158 -30.21 -0.73 13.89
CA TYR A 158 -29.24 0.24 13.39
C TYR A 158 -27.81 -0.28 13.60
N GLY A 159 -26.95 0.02 12.65
CA GLY A 159 -25.57 -0.42 12.76
C GLY A 159 -24.88 -0.38 11.42
N CYS A 160 -24.08 -1.41 11.14
CA CYS A 160 -23.36 -1.48 9.87
C CYS A 160 -22.83 -2.89 9.67
N LEU A 161 -22.31 -3.17 8.49
CA LEU A 161 -21.76 -4.49 8.21
C LEU A 161 -20.50 -4.75 9.01
N TRP A 162 -20.32 -6.01 9.41
CA TRP A 162 -19.15 -6.43 10.17
C TRP A 162 -18.16 -6.89 9.10
N ARG A 163 -17.35 -5.95 8.60
CA ARG A 163 -16.40 -6.24 7.55
C ARG A 163 -15.11 -6.92 7.99
N ASP A 164 -14.81 -6.85 9.28
CA ASP A 164 -13.60 -7.47 9.80
C ASP A 164 -13.71 -8.98 9.56
N GLY A 165 -14.91 -9.51 9.72
CA GLY A 165 -15.10 -10.94 9.51
C GLY A 165 -14.52 -11.78 10.63
N LEU A 166 -14.35 -11.18 11.80
CA LEU A 166 -13.81 -11.87 12.97
C LEU A 166 -14.94 -12.55 13.72
N LEU A 167 -14.92 -13.88 13.78
CA LEU A 167 -15.97 -14.60 14.47
C LEU A 167 -15.72 -14.68 15.95
N SER A 168 -14.45 -14.80 16.34
CA SER A 168 -14.12 -14.89 17.75
C SER A 168 -12.62 -14.83 17.99
N TYR A 169 -12.25 -14.43 19.20
CA TYR A 169 -10.85 -14.39 19.57
C TYR A 169 -10.63 -15.04 20.93
N THR A 170 -9.61 -15.89 20.99
CA THR A 170 -9.26 -16.58 22.21
C THR A 170 -8.18 -15.77 22.89
N ALA A 171 -8.12 -15.85 24.21
CA ALA A 171 -7.12 -15.09 24.92
C ALA A 171 -7.21 -15.33 26.41
N PRO A 172 -6.10 -15.09 27.13
CA PRO A 172 -6.02 -15.26 28.58
C PRO A 172 -6.95 -14.24 29.27
N VAL A 173 -7.61 -14.65 30.34
CA VAL A 173 -8.50 -13.77 31.06
C VAL A 173 -7.72 -12.51 31.46
N GLY A 174 -8.43 -11.39 31.55
CA GLY A 174 -7.79 -10.14 31.92
C GLY A 174 -7.44 -10.11 33.40
N GLN A 175 -6.23 -9.69 33.70
CA GLN A 175 -5.79 -9.62 35.08
C GLN A 175 -6.11 -8.26 35.64
N THR A 176 -5.66 -8.01 36.87
CA THR A 176 -5.90 -6.72 37.51
C THR A 176 -4.63 -6.25 38.19
N MET A 177 -4.33 -4.95 38.10
CA MET A 177 -3.14 -4.47 38.77
C MET A 177 -3.53 -3.70 40.04
N TYR A 178 -2.98 -4.13 41.18
CA TYR A 178 -3.26 -3.48 42.46
C TYR A 178 -2.32 -2.29 42.56
N LEU A 179 -2.87 -1.12 42.22
CA LEU A 179 -2.14 0.14 42.16
C LEU A 179 -2.91 1.27 42.83
N SER A 180 -2.64 1.51 44.12
CA SER A 180 -3.34 2.55 44.89
C SER A 180 -4.81 2.15 44.94
N GLU A 181 -5.46 2.23 43.80
CA GLU A 181 -6.85 1.83 43.66
C GLU A 181 -6.83 0.72 42.60
N ALA A 182 -7.29 -0.47 42.98
CA ALA A 182 -7.32 -1.62 42.08
C ALA A 182 -7.81 -1.30 40.67
N VAL A 183 -7.04 -1.72 39.67
CA VAL A 183 -7.39 -1.51 38.27
C VAL A 183 -7.76 -2.86 37.65
N TYR A 184 -8.99 -2.96 37.14
CA TYR A 184 -9.46 -4.22 36.53
C TYR A 184 -9.38 -4.24 35.01
N LEU A 185 -8.37 -4.94 34.49
CA LEU A 185 -8.15 -5.04 33.06
C LEU A 185 -8.64 -6.36 32.44
N ASN A 186 -9.85 -6.76 32.80
CA ASN A 186 -10.45 -8.00 32.30
C ASN A 186 -11.37 -7.66 31.11
N ASP A 187 -11.67 -8.64 30.27
CA ASP A 187 -12.57 -8.37 29.14
C ASP A 187 -13.97 -8.35 29.78
N SER A 188 -14.50 -7.17 30.00
CA SER A 188 -15.79 -7.01 30.66
C SER A 188 -17.02 -7.55 29.94
N THR A 189 -17.07 -7.37 28.63
CA THR A 189 -18.22 -7.78 27.87
C THR A 189 -18.10 -9.06 27.03
N TYR A 190 -17.01 -9.79 27.19
CA TYR A 190 -16.79 -11.02 26.41
C TYR A 190 -18.07 -11.86 26.40
N ASP A 191 -18.62 -12.11 25.21
CA ASP A 191 -19.85 -12.88 25.08
C ASP A 191 -19.66 -14.35 24.77
N GLY A 192 -18.49 -14.88 25.12
CA GLY A 192 -18.20 -16.29 24.89
C GLY A 192 -18.14 -17.07 26.18
N HIS A 193 -17.25 -18.05 26.25
CA HIS A 193 -17.11 -18.86 27.47
C HIS A 193 -15.82 -18.47 28.14
N THR A 194 -15.68 -18.79 29.42
CA THR A 194 -14.47 -18.47 30.13
C THR A 194 -14.14 -19.53 31.20
N VAL A 195 -13.64 -20.67 30.73
CA VAL A 195 -13.27 -21.82 31.56
C VAL A 195 -11.80 -21.68 31.92
N GLY A 196 -11.43 -22.13 33.11
CA GLY A 196 -10.04 -21.99 33.53
C GLY A 196 -9.76 -20.50 33.50
N GLY A 197 -8.56 -20.14 33.04
CA GLY A 197 -8.22 -18.73 32.93
C GLY A 197 -8.05 -18.39 31.47
N LEU A 198 -9.00 -18.87 30.65
CA LEU A 198 -8.95 -18.69 29.21
C LEU A 198 -10.33 -18.38 28.60
N GLN A 199 -10.41 -17.34 27.77
CA GLN A 199 -11.67 -16.98 27.11
C GLN A 199 -11.66 -17.58 25.71
N TYR A 200 -12.82 -18.02 25.22
CA TYR A 200 -12.90 -18.61 23.89
C TYR A 200 -14.32 -18.61 23.35
N GLY A 201 -14.45 -18.89 22.06
CA GLY A 201 -15.75 -18.96 21.43
C GLY A 201 -16.56 -17.68 21.37
N GLY A 202 -15.94 -16.51 21.62
CA GLY A 202 -16.71 -15.29 21.59
C GLY A 202 -15.99 -14.00 21.21
N LEU A 203 -16.64 -12.87 21.43
CA LEU A 203 -16.09 -11.55 21.14
C LEU A 203 -16.34 -10.61 22.32
N GLY A 204 -15.50 -9.58 22.44
CA GLY A 204 -15.65 -8.63 23.54
C GLY A 204 -15.07 -7.25 23.26
N GLN A 205 -14.60 -6.60 24.32
CA GLN A 205 -14.02 -5.26 24.25
C GLN A 205 -12.95 -5.07 23.19
N LEU A 206 -12.18 -6.10 22.90
CA LEU A 206 -11.10 -6.01 21.92
C LEU A 206 -11.63 -5.86 20.50
N ALA A 207 -12.94 -6.10 20.35
CA ALA A 207 -13.57 -6.00 19.05
C ALA A 207 -14.93 -5.31 19.15
N ASP A 208 -14.97 -4.13 19.76
CA ASP A 208 -16.24 -3.44 19.88
C ASP A 208 -16.22 -2.03 19.28
N GLY A 209 -15.11 -1.69 18.63
CA GLY A 209 -15.03 -0.38 18.01
C GLY A 209 -14.71 0.75 18.97
N VAL A 210 -14.55 0.44 20.25
CA VAL A 210 -14.20 1.47 21.21
C VAL A 210 -12.70 1.41 21.48
N VAL A 211 -12.05 2.57 21.41
CA VAL A 211 -10.60 2.66 21.67
C VAL A 211 -10.40 3.31 23.03
N GLY A 212 -9.45 2.79 23.82
CA GLY A 212 -9.20 3.34 25.15
C GLY A 212 -8.48 4.67 25.18
N LEU A 213 -8.45 5.31 26.35
CA LEU A 213 -7.80 6.60 26.53
C LEU A 213 -6.32 6.46 26.84
N ASP A 214 -5.57 7.57 26.78
CA ASP A 214 -4.13 7.54 27.09
C ASP A 214 -3.92 7.03 28.50
N ASP A 215 -4.66 7.57 29.46
CA ASP A 215 -4.56 7.13 30.84
C ASP A 215 -5.55 5.98 30.96
N PHE A 216 -5.04 4.75 31.05
CA PHE A 216 -5.91 3.60 31.13
C PHE A 216 -6.82 3.47 32.34
N ARG A 217 -6.57 4.23 33.40
CA ARG A 217 -7.42 4.12 34.58
C ARG A 217 -8.76 4.79 34.37
N LYS A 218 -8.76 5.93 33.68
CA LYS A 218 -10.01 6.63 33.42
C LYS A 218 -10.58 6.24 32.04
N SER A 219 -11.91 6.12 31.99
CA SER A 219 -12.63 5.75 30.77
C SER A 219 -13.62 6.81 30.32
N GLN A 220 -14.15 6.59 29.12
CA GLN A 220 -15.12 7.47 28.50
C GLN A 220 -16.52 7.06 28.98
N GLU A 221 -16.70 5.79 29.32
CA GLU A 221 -17.98 5.32 29.84
C GLU A 221 -18.16 5.77 31.28
N LEU A 222 -19.40 5.75 31.77
CA LEU A 222 -19.70 6.14 33.14
C LEU A 222 -20.02 4.93 33.99
N ARG A 223 -20.02 5.13 35.30
CA ARG A 223 -20.34 4.07 36.25
C ARG A 223 -19.57 2.79 36.00
N VAL A 224 -18.29 2.91 35.64
CA VAL A 224 -17.47 1.72 35.40
C VAL A 224 -16.22 1.86 36.25
N TRP A 225 -15.52 0.75 36.47
CA TRP A 225 -14.31 0.76 37.27
C TRP A 225 -13.09 1.21 36.53
N PRO A 226 -11.99 1.42 37.26
CA PRO A 226 -10.76 1.86 36.61
C PRO A 226 -10.20 0.74 35.72
N GLY A 227 -9.83 1.10 34.50
CA GLY A 227 -9.25 0.12 33.59
C GLY A 227 -10.25 -0.51 32.66
N TYR A 228 -11.52 -0.17 32.84
CA TYR A 228 -12.59 -0.72 32.01
C TYR A 228 -12.31 -0.90 30.51
N ASP A 229 -11.94 0.17 29.82
CA ASP A 229 -11.71 0.07 28.39
C ASP A 229 -10.66 -0.89 27.91
N TYR A 230 -9.76 -1.30 28.80
CA TYR A 230 -8.70 -2.20 28.37
C TYR A 230 -8.80 -3.64 28.85
N VAL A 231 -7.99 -4.47 28.23
CA VAL A 231 -7.88 -5.88 28.56
C VAL A 231 -6.36 -6.02 28.64
N GLY A 232 -5.83 -6.14 29.85
CA GLY A 232 -4.38 -6.27 29.99
C GLY A 232 -3.90 -7.47 30.76
N TRP A 233 -2.62 -7.79 30.60
CA TRP A 233 -2.02 -8.92 31.29
C TRP A 233 -0.64 -8.49 31.79
N SER A 234 -0.08 -9.21 32.76
CA SER A 234 1.23 -8.85 33.27
C SER A 234 2.32 -9.84 32.85
N ASN A 235 3.51 -9.32 32.62
CA ASN A 235 4.66 -10.11 32.21
C ASN A 235 4.97 -11.30 33.13
N HIS A 236 4.88 -11.06 34.44
CA HIS A 236 5.17 -12.08 35.45
C HIS A 236 4.24 -13.29 35.46
N SER A 237 3.06 -13.12 34.87
CA SER A 237 2.09 -14.20 34.82
C SER A 237 2.37 -15.14 33.65
N PHE A 238 3.23 -14.70 32.73
CA PHE A 238 3.55 -15.52 31.55
C PHE A 238 5.06 -15.72 31.36
N SER A 239 5.53 -16.87 31.83
CA SER A 239 6.94 -17.24 31.75
C SER A 239 7.48 -17.18 30.33
N SER A 240 6.59 -17.42 29.37
CA SER A 240 6.96 -17.41 27.96
C SER A 240 7.36 -16.00 27.50
N GLY A 241 6.81 -14.98 28.13
CA GLY A 241 7.18 -13.63 27.75
C GLY A 241 6.29 -12.94 26.73
N TYR A 242 5.17 -13.59 26.39
CA TYR A 242 4.24 -13.01 25.43
C TYR A 242 2.81 -13.45 25.72
N VAL A 243 1.85 -12.69 25.22
CA VAL A 243 0.46 -13.07 25.39
C VAL A 243 0.15 -13.72 24.06
N GLU A 244 -0.64 -14.79 24.06
CA GLU A 244 -0.98 -15.43 22.81
C GLU A 244 -2.47 -15.36 22.56
N MET A 245 -2.84 -15.07 21.32
CA MET A 245 -4.24 -14.98 20.95
C MET A 245 -4.47 -15.70 19.64
N GLU A 246 -5.63 -16.33 19.52
CA GLU A 246 -6.00 -17.02 18.29
C GLU A 246 -7.28 -16.37 17.79
N PHE A 247 -7.33 -16.09 16.49
CA PHE A 247 -8.48 -15.46 15.86
C PHE A 247 -9.08 -16.34 14.76
N GLU A 248 -10.40 -16.45 14.72
CA GLU A 248 -11.05 -17.25 13.70
C GLU A 248 -11.95 -16.35 12.86
N PHE A 249 -11.85 -16.46 11.54
CA PHE A 249 -12.66 -15.62 10.66
C PHE A 249 -13.77 -16.30 9.88
N ASP A 250 -14.75 -15.49 9.48
CA ASP A 250 -15.90 -15.97 8.72
C ASP A 250 -15.54 -16.71 7.44
N ARG A 251 -14.50 -16.26 6.74
CA ARG A 251 -14.12 -16.89 5.49
C ARG A 251 -12.64 -16.72 5.17
N LEU A 252 -12.17 -17.43 4.16
CA LEU A 252 -10.78 -17.36 3.73
C LEU A 252 -10.50 -15.93 3.27
N ARG A 253 -9.46 -15.31 3.82
CA ARG A 253 -9.12 -13.94 3.51
C ARG A 253 -7.63 -13.67 3.31
N ALA A 254 -7.33 -12.59 2.60
CA ALA A 254 -5.96 -12.17 2.35
C ALA A 254 -5.65 -11.04 3.35
N PHE A 255 -4.81 -11.32 4.35
CA PHE A 255 -4.51 -10.32 5.35
C PHE A 255 -3.43 -9.30 5.04
N GLN A 256 -3.85 -8.05 4.92
CA GLN A 256 -2.96 -6.93 4.64
C GLN A 256 -2.27 -6.47 5.93
N ALA A 257 -3.06 -6.22 6.97
CA ALA A 257 -2.48 -5.77 8.22
C ALA A 257 -3.38 -6.05 9.41
N MET A 258 -2.76 -5.97 10.58
CA MET A 258 -3.43 -6.17 11.86
C MET A 258 -3.15 -4.91 12.65
N GLN A 259 -4.17 -4.38 13.34
CA GLN A 259 -3.97 -3.16 14.09
C GLN A 259 -4.40 -3.27 15.55
N VAL A 260 -3.43 -3.11 16.45
CA VAL A 260 -3.68 -3.19 17.89
C VAL A 260 -3.59 -1.81 18.54
N HIS A 261 -4.63 -1.42 19.26
CA HIS A 261 -4.58 -0.13 19.95
C HIS A 261 -4.09 -0.43 21.37
N CYS A 262 -2.89 0.05 21.71
CA CYS A 262 -2.30 -0.21 23.02
C CYS A 262 -1.94 1.01 23.84
N ASN A 263 -1.89 0.80 25.15
CA ASN A 263 -1.56 1.84 26.12
C ASN A 263 -0.05 1.91 26.30
N ASN A 264 0.51 3.11 26.25
CA ASN A 264 1.95 3.22 26.43
C ASN A 264 2.31 4.09 27.63
N MET A 265 1.47 4.05 28.66
CA MET A 265 1.76 4.81 29.86
C MET A 265 2.72 3.95 30.70
N HIS A 266 4.00 4.02 30.34
CA HIS A 266 5.02 3.23 31.02
C HIS A 266 5.20 3.68 32.46
N THR A 267 4.72 4.88 32.77
CA THR A 267 4.81 5.43 34.11
C THR A 267 4.07 4.52 35.11
N LEU A 268 3.07 3.79 34.62
CA LEU A 268 2.28 2.89 35.45
C LEU A 268 2.48 1.43 35.10
N GLY A 269 3.40 1.15 34.18
CA GLY A 269 3.67 -0.21 33.79
C GLY A 269 3.32 -0.61 32.35
N ALA A 270 2.49 0.19 31.69
CA ALA A 270 2.09 -0.16 30.33
C ALA A 270 2.99 0.37 29.23
N ARG A 271 3.52 -0.54 28.41
CA ARG A 271 4.38 -0.17 27.28
C ARG A 271 3.92 -0.95 26.05
N LEU A 272 4.14 -0.41 24.86
CA LEU A 272 3.77 -1.12 23.65
C LEU A 272 4.46 -2.48 23.59
N PRO A 273 3.89 -3.44 22.86
CA PRO A 273 4.53 -4.75 22.79
C PRO A 273 5.87 -4.65 22.08
N GLY A 274 6.87 -5.39 22.57
CA GLY A 274 8.19 -5.36 21.97
C GLY A 274 8.17 -5.79 20.50
N GLY A 275 7.40 -6.82 20.20
CA GLY A 275 7.27 -7.31 18.84
C GLY A 275 5.97 -8.06 18.67
N VAL A 276 5.63 -8.44 17.45
CA VAL A 276 4.40 -9.19 17.21
C VAL A 276 4.66 -10.27 16.17
N GLU A 277 4.37 -11.53 16.49
CA GLU A 277 4.55 -12.59 15.50
C GLU A 277 3.23 -13.34 15.32
N CYS A 278 2.85 -13.61 14.07
CA CYS A 278 1.60 -14.33 13.80
C CYS A 278 1.79 -15.52 12.84
N ARG A 279 1.03 -16.59 13.08
CA ARG A 279 1.05 -17.78 12.24
C ARG A 279 -0.30 -17.84 11.53
N PHE A 280 -0.35 -18.47 10.36
CA PHE A 280 -1.59 -18.54 9.58
C PHE A 280 -1.95 -19.98 9.24
N ARG A 281 -3.24 -20.27 9.23
CA ARG A 281 -3.72 -21.61 8.91
C ARG A 281 -4.91 -21.37 7.98
N ARG A 282 -5.02 -22.11 6.88
CA ARG A 282 -6.16 -21.88 6.02
C ARG A 282 -7.38 -22.72 6.39
N GLY A 283 -7.20 -23.65 7.31
CA GLY A 283 -8.34 -24.44 7.74
C GLY A 283 -8.23 -25.95 7.78
N PRO A 284 -8.14 -26.60 6.61
CA PRO A 284 -8.04 -28.07 6.53
C PRO A 284 -6.93 -28.71 7.37
N ALA A 285 -5.69 -28.59 6.89
CA ALA A 285 -4.57 -29.20 7.60
C ALA A 285 -4.47 -28.77 9.05
N MET A 286 -3.60 -29.46 9.78
CA MET A 286 -3.36 -29.18 11.18
C MET A 286 -2.00 -28.50 11.26
N ALA A 287 -1.58 -27.93 10.13
CA ALA A 287 -0.29 -27.25 10.02
C ALA A 287 -0.45 -25.77 9.70
N TRP A 288 0.60 -24.98 9.97
CA TRP A 288 0.58 -23.55 9.70
C TRP A 288 1.10 -23.23 8.29
N GLU A 289 0.32 -22.42 7.57
CA GLU A 289 0.61 -21.98 6.20
C GLU A 289 2.09 -21.80 5.82
N GLY A 290 2.97 -21.62 6.79
CA GLY A 290 4.38 -21.44 6.47
C GLY A 290 5.13 -20.84 7.63
N GLU A 291 6.25 -20.17 7.38
CA GLU A 291 7.00 -19.57 8.47
C GLU A 291 6.17 -18.38 9.01
N PRO A 292 6.28 -18.09 10.31
CA PRO A 292 5.53 -16.97 10.89
C PRO A 292 6.05 -15.59 10.50
N MET A 293 5.23 -14.56 10.72
CA MET A 293 5.64 -13.19 10.40
C MET A 293 5.93 -12.40 11.67
N ARG A 294 7.20 -12.25 11.98
CA ARG A 294 7.64 -11.52 13.17
C ARG A 294 7.92 -10.06 12.84
N HIS A 295 7.29 -9.15 13.57
CA HIS A 295 7.46 -7.71 13.34
C HIS A 295 7.92 -7.02 14.64
N ASN A 296 9.10 -6.42 14.62
CA ASN A 296 9.59 -5.75 15.80
C ASN A 296 9.26 -4.26 15.74
N LEU A 297 9.01 -3.66 16.90
CA LEU A 297 8.68 -2.23 16.96
C LEU A 297 9.91 -1.39 17.31
N GLY A 298 10.39 -0.63 16.31
CA GLY A 298 11.54 0.24 16.43
C GLY A 298 12.26 0.42 17.77
N GLY A 299 11.51 0.78 18.80
CA GLY A 299 12.06 0.96 20.12
C GLY A 299 10.95 1.05 21.14
N ASN A 300 11.24 1.63 22.30
CA ASN A 300 10.25 1.72 23.36
C ASN A 300 9.34 2.96 23.36
N LEU A 301 9.73 4.02 22.65
CA LEU A 301 8.94 5.23 22.53
C LEU A 301 8.87 6.08 23.80
N GLY A 302 9.03 7.39 23.61
CA GLY A 302 9.00 8.33 24.70
C GLY A 302 7.62 8.65 25.27
N ASP A 303 6.73 9.20 24.44
CA ASP A 303 5.40 9.59 24.93
C ASP A 303 4.40 8.48 25.25
N PRO A 304 3.77 8.61 26.44
CA PRO A 304 2.77 7.72 27.03
C PRO A 304 1.39 7.66 26.38
N ARG A 305 1.16 8.45 25.34
CA ARG A 305 -0.15 8.42 24.71
C ARG A 305 -0.34 7.07 24.04
N ALA A 306 -1.58 6.57 24.05
CA ALA A 306 -1.89 5.29 23.42
C ALA A 306 -1.73 5.50 21.92
N ARG A 307 -1.26 4.47 21.24
CA ARG A 307 -1.05 4.55 19.81
C ARG A 307 -1.64 3.29 19.18
N ALA A 308 -1.69 3.25 17.86
CA ALA A 308 -2.22 2.08 17.17
C ALA A 308 -1.07 1.38 16.46
N VAL A 309 -0.62 0.26 17.00
CA VAL A 309 0.48 -0.52 16.43
C VAL A 309 -0.03 -1.27 15.18
N SER A 310 0.55 -0.97 14.02
CA SER A 310 0.12 -1.59 12.77
C SER A 310 1.08 -2.65 12.24
N VAL A 311 0.62 -3.90 12.22
CA VAL A 311 1.43 -5.02 11.77
C VAL A 311 1.13 -5.51 10.35
N PRO A 312 2.13 -5.45 9.48
CA PRO A 312 1.94 -5.91 8.09
C PRO A 312 1.79 -7.43 8.08
N LEU A 313 0.78 -7.95 7.37
CA LEU A 313 0.58 -9.39 7.32
C LEU A 313 0.84 -10.02 5.95
N GLY A 314 1.58 -9.32 5.10
CA GLY A 314 1.94 -9.81 3.78
C GLY A 314 0.83 -10.27 2.85
N GLY A 315 -0.43 -9.96 3.17
CA GLY A 315 -1.53 -10.37 2.32
C GLY A 315 -1.71 -11.88 2.33
N ARG A 316 -1.11 -12.52 3.32
CA ARG A 316 -1.17 -13.97 3.41
C ARG A 316 -2.57 -14.50 3.58
N VAL A 317 -2.96 -15.36 2.65
CA VAL A 317 -4.28 -15.97 2.66
C VAL A 317 -4.41 -17.03 3.76
N ALA A 318 -5.51 -16.95 4.51
CA ALA A 318 -5.78 -17.89 5.62
C ALA A 318 -7.14 -17.65 6.28
N ARG A 319 -7.54 -18.55 7.18
CA ARG A 319 -8.80 -18.39 7.87
C ARG A 319 -8.66 -18.39 9.42
N PHE A 320 -7.46 -18.75 9.90
CA PHE A 320 -7.18 -18.78 11.33
C PHE A 320 -5.86 -18.03 11.57
N LEU A 321 -5.79 -17.29 12.67
CA LEU A 321 -4.57 -16.54 12.99
C LEU A 321 -4.15 -16.77 14.43
N GLN A 322 -2.86 -16.97 14.67
CA GLN A 322 -2.37 -17.18 16.03
C GLN A 322 -1.21 -16.23 16.28
N CYS A 323 -1.49 -15.09 16.88
CA CYS A 323 -0.46 -14.10 17.15
C CYS A 323 0.05 -14.11 18.58
N ARG A 324 1.26 -13.60 18.77
CA ARG A 324 1.88 -13.49 20.10
C ARG A 324 2.35 -12.05 20.24
N PHE A 325 2.19 -11.47 21.43
CA PHE A 325 2.62 -10.09 21.64
C PHE A 325 3.63 -10.08 22.77
N LEU A 326 4.88 -9.81 22.41
CA LEU A 326 5.99 -9.78 23.35
C LEU A 326 5.89 -8.60 24.29
N PHE A 327 6.03 -8.84 25.59
CA PHE A 327 5.99 -7.76 26.57
C PHE A 327 7.23 -6.89 26.39
N ALA A 328 7.10 -5.60 26.72
CA ALA A 328 8.23 -4.68 26.62
C ALA A 328 8.31 -3.91 27.94
N GLY A 329 7.32 -4.13 28.79
CA GLY A 329 7.27 -3.50 30.09
C GLY A 329 6.56 -4.45 31.04
N PRO A 330 6.39 -4.07 32.31
CA PRO A 330 5.71 -4.99 33.24
C PRO A 330 4.37 -5.49 32.69
N TRP A 331 3.55 -4.58 32.14
CA TRP A 331 2.24 -4.93 31.61
C TRP A 331 2.05 -4.69 30.11
N LEU A 332 0.90 -5.15 29.62
CA LEU A 332 0.48 -4.99 28.22
C LEU A 332 -1.02 -4.71 28.26
N LEU A 333 -1.41 -3.56 27.71
CA LEU A 333 -2.82 -3.17 27.68
C LEU A 333 -3.34 -2.95 26.27
N PHE A 334 -4.41 -3.66 25.90
CA PHE A 334 -5.03 -3.53 24.58
C PHE A 334 -6.47 -3.06 24.80
N SER A 335 -6.98 -2.24 23.89
CA SER A 335 -8.38 -1.80 24.00
C SER A 335 -9.11 -2.18 22.72
N GLU A 336 -8.37 -2.62 21.72
CA GLU A 336 -8.99 -2.99 20.46
C GLU A 336 -7.99 -3.71 19.56
N ILE A 337 -8.51 -4.55 18.67
CA ILE A 337 -7.67 -5.27 17.73
C ILE A 337 -8.47 -5.40 16.45
N SER A 338 -7.97 -4.79 15.38
CA SER A 338 -8.65 -4.82 14.08
C SER A 338 -7.82 -5.47 13.00
N PHE A 339 -8.49 -6.09 12.04
CA PHE A 339 -7.81 -6.72 10.93
C PHE A 339 -8.23 -6.09 9.62
N ILE A 340 -7.25 -5.81 8.77
CA ILE A 340 -7.53 -5.22 7.46
C ILE A 340 -7.23 -6.35 6.48
N SER A 341 -8.24 -6.80 5.75
CA SER A 341 -8.06 -7.89 4.78
C SER A 341 -9.09 -7.89 3.66
N ASP A 342 -8.94 -8.82 2.73
CA ASP A 342 -9.86 -8.94 1.60
C ASP A 342 -10.27 -10.40 1.43
N ALA A 343 -11.55 -10.65 1.21
CA ALA A 343 -12.03 -12.02 1.04
C ALA A 343 -11.58 -12.55 -0.32
N ALA A 344 -10.91 -13.69 -0.33
CA ALA A 344 -10.41 -14.31 -1.56
C ALA A 344 -11.50 -15.18 -2.18
N ALA A 345 -12.15 -15.93 -1.42
N GLN B 1 18.58 -13.40 -0.27
CA GLN B 1 18.44 -12.21 -1.15
C GLN B 1 17.14 -12.38 -1.91
N VAL B 2 16.10 -11.68 -1.48
CA VAL B 2 14.84 -11.75 -2.20
C VAL B 2 15.14 -11.22 -3.62
N GLN B 3 14.83 -12.00 -4.62
CA GLN B 3 15.09 -11.59 -5.98
C GLN B 3 13.93 -11.90 -6.90
N LEU B 4 13.66 -10.95 -7.78
CA LEU B 4 12.63 -11.10 -8.77
C LEU B 4 13.38 -10.75 -10.04
N GLN B 5 14.05 -11.76 -10.59
CA GLN B 5 14.82 -11.55 -11.82
C GLN B 5 13.88 -11.60 -13.00
N GLU B 6 14.02 -10.62 -13.89
CA GLU B 6 13.18 -10.58 -15.06
C GLU B 6 13.95 -10.02 -16.24
N SER B 7 13.58 -10.50 -17.41
CA SER B 7 14.21 -10.10 -18.66
C SER B 7 14.28 -8.59 -18.82
N GLY B 8 15.40 -8.12 -19.37
CA GLY B 8 15.58 -6.70 -19.56
C GLY B 8 14.76 -6.14 -20.71
N ALA B 9 14.63 -6.91 -21.77
CA ALA B 9 13.89 -6.47 -22.94
C ALA B 9 13.02 -7.56 -23.54
N GLU B 10 11.98 -7.12 -24.25
CA GLU B 10 11.05 -8.01 -24.94
C GLU B 10 10.49 -7.27 -26.13
N LEU B 11 10.59 -7.90 -27.30
CA LEU B 11 10.10 -7.30 -28.54
C LEU B 11 9.12 -8.21 -29.28
N VAL B 12 8.04 -7.61 -29.77
CA VAL B 12 7.03 -8.34 -30.52
C VAL B 12 6.30 -7.42 -31.52
N ARG B 13 5.81 -8.02 -32.60
CA ARG B 13 5.07 -7.27 -33.62
C ARG B 13 3.70 -6.98 -33.05
N PRO B 14 3.12 -5.83 -33.40
CA PRO B 14 1.79 -5.47 -32.90
C PRO B 14 0.77 -6.61 -33.09
N GLY B 15 -0.18 -6.71 -32.17
CA GLY B 15 -1.20 -7.74 -32.25
C GLY B 15 -0.75 -9.15 -31.91
N ALA B 16 0.56 -9.38 -31.82
CA ALA B 16 1.11 -10.69 -31.51
C ALA B 16 1.24 -10.97 -29.99
N SER B 17 1.04 -12.23 -29.61
CA SER B 17 1.12 -12.67 -28.21
C SER B 17 2.51 -12.47 -27.60
N VAL B 18 2.56 -11.89 -26.41
CA VAL B 18 3.82 -11.66 -25.72
C VAL B 18 3.67 -12.07 -24.26
N LYS B 19 4.70 -12.70 -23.70
CA LYS B 19 4.65 -13.14 -22.32
C LYS B 19 5.91 -12.73 -21.54
N LEU B 20 5.75 -11.86 -20.55
CA LEU B 20 6.87 -11.42 -19.73
C LEU B 20 7.04 -12.34 -18.53
N SER B 21 8.29 -12.66 -18.23
CA SER B 21 8.67 -13.53 -17.12
C SER B 21 9.24 -12.79 -15.90
N CYS B 22 9.24 -13.49 -14.76
CA CYS B 22 9.72 -12.97 -13.49
C CYS B 22 9.96 -14.19 -12.60
N LYS B 23 11.24 -14.53 -12.42
CA LYS B 23 11.61 -15.67 -11.61
C LYS B 23 11.99 -15.17 -10.22
N ALA B 24 11.33 -15.72 -9.19
CA ALA B 24 11.57 -15.32 -7.81
C ALA B 24 12.42 -16.33 -7.08
N SER B 25 13.09 -15.88 -6.02
CA SER B 25 13.95 -16.73 -5.19
C SER B 25 14.29 -16.05 -3.87
N GLY B 26 14.55 -16.84 -2.84
CA GLY B 26 14.92 -16.24 -1.57
C GLY B 26 13.82 -16.20 -0.53
N TYR B 27 12.72 -16.87 -0.81
CA TYR B 27 11.62 -16.90 0.12
C TYR B 27 10.56 -17.86 -0.41
N THR B 28 9.67 -18.32 0.45
CA THR B 28 8.61 -19.24 0.04
C THR B 28 7.72 -18.56 -1.02
N PHE B 29 8.01 -18.87 -2.28
CA PHE B 29 7.32 -18.32 -3.44
C PHE B 29 5.80 -18.49 -3.47
N SER B 30 5.34 -19.67 -3.08
CA SER B 30 3.92 -19.97 -3.11
C SER B 30 3.02 -19.12 -2.23
N ILE B 31 3.54 -18.54 -1.15
CA ILE B 31 2.67 -17.77 -0.27
C ILE B 31 2.77 -16.24 -0.26
N SER B 32 3.37 -15.67 -1.29
CA SER B 32 3.49 -14.21 -1.42
C SER B 32 2.74 -13.81 -2.68
N TRP B 33 2.26 -12.59 -2.74
CA TRP B 33 1.57 -12.13 -3.93
C TRP B 33 2.59 -11.59 -4.92
N ILE B 34 2.34 -11.80 -6.20
CA ILE B 34 3.21 -11.25 -7.24
C ILE B 34 2.38 -10.20 -7.95
N ASN B 35 2.88 -8.97 -8.01
CA ASN B 35 2.17 -7.87 -8.68
C ASN B 35 2.90 -7.43 -9.93
N TRP B 36 2.18 -6.74 -10.82
CA TRP B 36 2.79 -6.20 -12.04
C TRP B 36 2.36 -4.75 -12.14
N VAL B 37 3.34 -3.85 -12.23
CA VAL B 37 3.08 -2.43 -12.36
C VAL B 37 3.64 -2.00 -13.71
N LYS B 38 2.89 -1.15 -14.40
CA LYS B 38 3.27 -0.68 -15.72
C LYS B 38 3.70 0.76 -15.64
N GLN B 39 4.75 1.11 -16.39
CA GLN B 39 5.22 2.50 -16.41
C GLN B 39 5.83 2.90 -17.75
N ARG B 40 5.25 3.96 -18.33
CA ARG B 40 5.76 4.49 -19.59
C ARG B 40 6.81 5.52 -19.14
N PRO B 41 7.93 5.60 -19.85
CA PRO B 41 9.01 6.54 -19.52
C PRO B 41 8.55 7.92 -19.01
N GLY B 42 9.22 8.39 -17.96
CA GLY B 42 8.90 9.69 -17.40
C GLY B 42 7.44 9.94 -17.01
N GLN B 43 6.62 8.89 -17.08
CA GLN B 43 5.22 9.02 -16.72
C GLN B 43 5.01 8.37 -15.35
N GLY B 44 3.77 8.29 -14.91
CA GLY B 44 3.49 7.69 -13.61
C GLY B 44 3.52 6.18 -13.59
N LEU B 45 3.01 5.60 -12.50
CA LEU B 45 2.97 4.15 -12.33
C LEU B 45 1.53 3.67 -12.38
N GLU B 46 1.32 2.47 -12.93
CA GLU B 46 -0.01 1.91 -13.03
C GLU B 46 0.02 0.44 -12.60
N TRP B 47 -0.82 0.08 -11.63
CA TRP B 47 -0.89 -1.28 -11.12
C TRP B 47 -1.83 -2.12 -12.00
N ILE B 48 -1.28 -3.18 -12.60
CA ILE B 48 -2.03 -4.07 -13.49
C ILE B 48 -2.86 -5.11 -12.75
N GLY B 49 -2.26 -5.72 -11.73
CA GLY B 49 -2.95 -6.74 -10.97
C GLY B 49 -1.96 -7.73 -10.37
N ASN B 50 -2.43 -8.60 -9.49
CA ASN B 50 -1.54 -9.56 -8.86
C ASN B 50 -2.08 -10.98 -8.88
N ILE B 51 -1.23 -11.91 -8.44
CA ILE B 51 -1.61 -13.32 -8.36
C ILE B 51 -0.92 -13.94 -7.15
N TYR B 52 -1.68 -14.76 -6.42
CA TYR B 52 -1.19 -15.45 -5.23
C TYR B 52 -1.00 -16.92 -5.64
N PRO B 53 0.27 -17.33 -5.91
CA PRO B 53 0.57 -18.70 -6.32
C PRO B 53 -0.26 -19.80 -5.66
N SER B 54 -0.04 -20.03 -4.38
CA SER B 54 -0.80 -21.06 -3.66
C SER B 54 -2.29 -20.73 -3.57
N GLY B 55 -3.04 -21.16 -4.58
CA GLY B 55 -4.48 -20.90 -4.61
C GLY B 55 -4.90 -20.40 -5.97
N GLY B 56 -4.01 -19.68 -6.65
CA GLY B 56 -4.34 -19.17 -7.96
C GLY B 56 -5.20 -17.93 -7.92
N TYR B 57 -5.46 -17.42 -6.72
CA TYR B 57 -6.29 -16.22 -6.57
C TYR B 57 -5.65 -15.09 -7.35
N THR B 58 -6.47 -14.26 -8.00
CA THR B 58 -5.96 -13.13 -8.77
C THR B 58 -6.76 -11.87 -8.50
N ASN B 59 -6.26 -10.76 -9.03
CA ASN B 59 -6.88 -9.46 -8.87
C ASN B 59 -6.49 -8.70 -10.10
N TYR B 60 -7.47 -8.32 -10.91
CA TYR B 60 -7.12 -7.56 -12.10
C TYR B 60 -7.61 -6.13 -11.99
N ASN B 61 -6.95 -5.24 -12.72
CA ASN B 61 -7.37 -3.86 -12.74
C ASN B 61 -8.30 -3.91 -13.95
N GLN B 62 -9.58 -3.61 -13.73
CA GLN B 62 -10.57 -3.62 -14.81
C GLN B 62 -9.93 -3.18 -16.13
N LYS B 63 -9.17 -2.09 -16.07
CA LYS B 63 -8.52 -1.53 -17.25
C LYS B 63 -7.75 -2.54 -18.11
N PHE B 64 -7.22 -3.59 -17.51
CA PHE B 64 -6.48 -4.60 -18.25
C PHE B 64 -7.25 -5.90 -18.24
N LYS B 65 -8.53 -5.78 -17.90
CA LYS B 65 -9.40 -6.95 -17.83
C LYS B 65 -9.24 -7.83 -19.07
N ASP B 66 -9.29 -7.21 -20.25
CA ASP B 66 -9.19 -7.97 -21.47
C ASP B 66 -7.88 -7.76 -22.22
N LYS B 67 -6.85 -7.35 -21.49
CA LYS B 67 -5.56 -7.15 -22.13
C LYS B 67 -4.56 -8.12 -21.54
N ALA B 68 -4.63 -8.33 -20.22
CA ALA B 68 -3.69 -9.21 -19.55
C ALA B 68 -4.26 -10.42 -18.78
N THR B 69 -3.38 -11.37 -18.52
CA THR B 69 -3.72 -12.59 -17.77
C THR B 69 -2.50 -13.04 -16.99
N LEU B 70 -2.64 -13.11 -15.67
CA LEU B 70 -1.54 -13.52 -14.82
C LEU B 70 -1.58 -15.00 -14.55
N THR B 71 -0.40 -15.61 -14.50
CA THR B 71 -0.30 -17.02 -14.20
C THR B 71 1.00 -17.23 -13.45
N VAL B 72 1.20 -18.44 -12.97
CA VAL B 72 2.39 -18.77 -12.21
C VAL B 72 2.75 -20.25 -12.30
N ASP B 73 4.00 -20.53 -12.60
CA ASP B 73 4.44 -21.91 -12.64
C ASP B 73 5.04 -22.15 -11.25
N LYS B 74 4.23 -22.68 -10.34
CA LYS B 74 4.67 -22.95 -8.97
C LYS B 74 5.69 -24.08 -8.98
N SER B 75 6.52 -24.12 -10.03
CA SER B 75 7.53 -25.16 -10.17
C SER B 75 8.92 -24.54 -10.31
N SER B 76 9.02 -23.52 -11.15
CA SER B 76 10.28 -22.81 -11.38
C SER B 76 10.26 -21.49 -10.61
N ASN B 77 9.20 -21.28 -9.83
CA ASN B 77 9.04 -20.05 -9.06
C ASN B 77 9.02 -18.86 -10.01
N THR B 78 8.20 -18.97 -11.05
CA THR B 78 8.09 -17.91 -12.03
C THR B 78 6.65 -17.41 -12.12
N ALA B 79 6.49 -16.14 -12.43
CA ALA B 79 5.17 -15.55 -12.56
C ALA B 79 5.06 -14.88 -13.92
N TYR B 80 3.95 -15.10 -14.62
CA TYR B 80 3.78 -14.50 -15.94
C TYR B 80 2.63 -13.49 -16.04
N ILE B 81 2.75 -12.59 -17.01
CA ILE B 81 1.74 -11.59 -17.29
C ILE B 81 1.58 -11.61 -18.81
N GLN B 82 0.40 -11.97 -19.27
CA GLN B 82 0.18 -12.06 -20.72
C GLN B 82 -0.54 -10.89 -21.32
N LEU B 83 -0.12 -10.55 -22.53
CA LEU B 83 -0.73 -9.46 -23.27
C LEU B 83 -1.21 -10.05 -24.60
N SER B 84 -2.53 -10.02 -24.79
CA SER B 84 -3.19 -10.57 -25.97
C SER B 84 -3.00 -9.89 -27.34
N SER B 85 -3.13 -8.57 -27.40
CA SER B 85 -2.96 -7.87 -28.68
C SER B 85 -2.26 -6.54 -28.52
N PRO B 86 -0.92 -6.56 -28.39
CA PRO B 86 0.01 -5.44 -28.23
C PRO B 86 -0.30 -4.23 -29.12
N THR B 87 -0.10 -3.03 -28.58
CA THR B 87 -0.40 -1.82 -29.34
C THR B 87 0.28 -0.54 -28.88
N SER B 88 1.57 -0.39 -29.18
CA SER B 88 2.33 0.81 -28.83
C SER B 88 2.14 1.31 -27.39
N GLU B 89 0.92 1.69 -27.05
CA GLU B 89 0.60 2.16 -25.72
C GLU B 89 0.79 0.99 -24.75
N ASP B 90 0.70 -0.21 -25.30
CA ASP B 90 0.87 -1.43 -24.53
C ASP B 90 2.37 -1.74 -24.44
N SER B 91 3.18 -0.77 -24.85
CA SER B 91 4.62 -0.91 -24.80
C SER B 91 5.15 0.12 -23.81
N ALA B 92 5.93 -0.35 -22.85
CA ALA B 92 6.52 0.48 -21.80
C ALA B 92 7.34 -0.46 -20.93
N VAL B 93 7.63 -0.06 -19.69
CA VAL B 93 8.39 -0.90 -18.78
C VAL B 93 7.46 -1.62 -17.81
N TYR B 94 7.63 -2.94 -17.71
CA TYR B 94 6.81 -3.75 -16.83
C TYR B 94 7.60 -4.30 -15.64
N TYR B 95 7.17 -3.94 -14.43
CA TYR B 95 7.81 -4.38 -13.19
C TYR B 95 6.99 -5.45 -12.45
N CYS B 96 7.64 -6.52 -12.01
CA CYS B 96 6.93 -7.49 -11.17
C CYS B 96 7.41 -7.12 -9.76
N THR B 97 6.50 -7.16 -8.79
CA THR B 97 6.87 -6.79 -7.44
C THR B 97 6.07 -7.58 -6.43
N ARG B 98 6.74 -7.98 -5.35
CA ARG B 98 6.12 -8.80 -4.31
C ARG B 98 5.39 -7.98 -3.25
N GLY B 99 4.36 -8.57 -2.66
CA GLY B 99 3.67 -7.84 -1.62
C GLY B 99 2.21 -7.55 -1.82
N TYR B 100 1.53 -7.27 -0.70
CA TYR B 100 0.10 -6.96 -0.70
C TYR B 100 -0.04 -5.70 0.16
N GLY B 101 0.14 -4.54 -0.46
CA GLY B 101 0.07 -3.29 0.26
C GLY B 101 1.49 -2.79 0.26
N HIS B 102 2.30 -3.35 1.15
CA HIS B 102 3.70 -3.02 1.24
C HIS B 102 4.42 -3.81 0.15
N LEU B 103 4.70 -3.16 -0.98
CA LEU B 103 5.42 -3.80 -2.09
C LEU B 103 6.88 -3.69 -1.73
N ASP B 104 7.37 -4.71 -1.01
CA ASP B 104 8.74 -4.70 -0.53
C ASP B 104 9.87 -4.99 -1.49
N TYR B 105 9.61 -5.75 -2.55
CA TYR B 105 10.71 -6.02 -3.48
C TYR B 105 10.29 -5.82 -4.93
N TRP B 106 11.14 -5.18 -5.71
CA TRP B 106 10.86 -4.94 -7.11
C TRP B 106 11.94 -5.49 -8.04
N GLY B 107 11.50 -6.05 -9.16
CA GLY B 107 12.43 -6.57 -10.15
C GLY B 107 12.94 -5.39 -10.96
N GLN B 108 13.92 -5.64 -11.81
CA GLN B 108 14.51 -4.59 -12.64
C GLN B 108 13.57 -4.04 -13.70
N GLY B 109 12.46 -4.76 -13.93
CA GLY B 109 11.48 -4.36 -14.93
C GLY B 109 11.85 -4.80 -16.35
N THR B 110 10.85 -5.02 -17.19
CA THR B 110 11.12 -5.39 -18.58
C THR B 110 10.68 -4.26 -19.52
N THR B 111 11.54 -3.93 -20.47
CA THR B 111 11.22 -2.88 -21.42
C THR B 111 10.58 -3.60 -22.59
N LEU B 112 9.26 -3.44 -22.74
CA LEU B 112 8.52 -4.09 -23.83
C LEU B 112 8.26 -3.14 -24.97
N THR B 113 8.71 -3.51 -26.16
CA THR B 113 8.51 -2.68 -27.35
C THR B 113 7.63 -3.36 -28.39
N VAL B 114 6.51 -2.72 -28.70
CA VAL B 114 5.56 -3.21 -29.68
C VAL B 114 5.98 -2.60 -31.02
N SER B 115 6.67 -3.38 -31.84
CA SER B 115 7.14 -2.84 -33.10
C SER B 115 7.45 -3.86 -34.20
N ALA B 116 7.22 -3.45 -35.44
CA ALA B 116 7.48 -4.28 -36.60
C ALA B 116 8.98 -4.25 -36.94
N ALA B 117 9.66 -3.21 -36.47
CA ALA B 117 11.10 -3.05 -36.71
C ALA B 117 11.86 -4.25 -36.15
N LYS B 118 13.00 -4.57 -36.76
CA LYS B 118 13.80 -5.70 -36.30
C LYS B 118 14.90 -5.28 -35.33
N THR B 119 15.29 -6.22 -34.46
CA THR B 119 16.30 -5.97 -33.45
C THR B 119 17.68 -5.77 -34.06
N THR B 120 18.38 -4.75 -33.56
CA THR B 120 19.73 -4.44 -34.05
C THR B 120 20.68 -4.11 -32.92
N PRO B 121 21.78 -4.87 -32.79
CA PRO B 121 22.73 -4.57 -31.72
C PRO B 121 23.31 -3.17 -31.90
N PRO B 122 24.03 -2.68 -30.90
CA PRO B 122 24.61 -1.35 -31.00
C PRO B 122 26.06 -1.38 -31.46
N SER B 123 26.49 -0.26 -32.04
CA SER B 123 27.84 -0.11 -32.51
C SER B 123 28.46 0.82 -31.47
N VAL B 124 29.52 0.35 -30.81
CA VAL B 124 30.17 1.12 -29.76
C VAL B 124 31.45 1.82 -30.19
N TYR B 125 31.48 3.14 -30.04
CA TYR B 125 32.64 3.92 -30.42
C TYR B 125 33.30 4.60 -29.22
N PRO B 126 34.63 4.46 -29.09
CA PRO B 126 35.38 5.07 -27.99
C PRO B 126 35.49 6.58 -28.19
N LEU B 127 35.70 7.33 -27.10
CA LEU B 127 35.83 8.77 -27.19
C LEU B 127 37.05 9.23 -26.40
N ALA B 128 38.13 9.54 -27.12
CA ALA B 128 39.37 9.99 -26.50
C ALA B 128 39.64 11.47 -26.79
N PRO B 129 40.32 12.17 -25.86
CA PRO B 129 40.62 13.58 -26.08
C PRO B 129 41.83 13.79 -26.98
N ASN B 136 43.09 19.39 -17.01
CA ASN B 136 44.41 18.81 -16.81
C ASN B 136 44.52 17.92 -15.57
N SER B 137 43.87 18.32 -14.48
CA SER B 137 43.91 17.54 -13.24
C SER B 137 43.19 16.21 -13.45
N MET B 138 42.11 16.25 -14.23
CA MET B 138 41.34 15.06 -14.53
C MET B 138 41.05 15.03 -16.01
N VAL B 139 40.80 13.82 -16.52
CA VAL B 139 40.48 13.63 -17.93
C VAL B 139 39.02 13.22 -17.99
N THR B 140 38.42 13.29 -19.17
CA THR B 140 37.03 12.88 -19.31
C THR B 140 37.00 12.05 -20.58
N LEU B 141 36.83 10.74 -20.39
CA LEU B 141 36.76 9.80 -21.50
C LEU B 141 35.30 9.59 -21.88
N GLY B 142 35.05 8.93 -22.99
CA GLY B 142 33.67 8.75 -23.37
C GLY B 142 33.40 7.48 -24.13
N CYS B 143 32.11 7.20 -24.29
CA CYS B 143 31.66 6.03 -25.00
C CYS B 143 30.40 6.37 -25.76
N LEU B 144 30.42 6.20 -27.08
CA LEU B 144 29.25 6.49 -27.89
C LEU B 144 28.64 5.18 -28.38
N VAL B 145 27.36 4.98 -28.03
CA VAL B 145 26.62 3.77 -28.42
C VAL B 145 25.57 4.20 -29.45
N LYS B 146 25.88 3.99 -30.73
CA LYS B 146 24.97 4.41 -31.81
C LYS B 146 24.35 3.30 -32.65
N GLY B 147 23.08 3.48 -32.97
CA GLY B 147 22.36 2.55 -33.81
C GLY B 147 21.93 1.21 -33.25
N TYR B 148 21.06 1.23 -32.23
CA TYR B 148 20.59 -0.04 -31.69
C TYR B 148 19.08 0.01 -31.55
N PHE B 149 18.48 -1.16 -31.32
CA PHE B 149 17.05 -1.30 -31.15
C PHE B 149 16.73 -2.73 -30.70
N PRO B 150 15.82 -2.87 -29.72
CA PRO B 150 15.12 -1.77 -29.05
C PRO B 150 15.85 -1.46 -27.75
N GLU B 151 15.17 -0.75 -26.85
CA GLU B 151 15.75 -0.45 -25.54
C GLU B 151 15.69 -1.75 -24.72
N PRO B 152 16.48 -1.83 -23.63
CA PRO B 152 17.40 -0.81 -23.15
C PRO B 152 18.85 -1.20 -23.46
N VAL B 153 19.77 -0.37 -22.97
CA VAL B 153 21.21 -0.60 -23.13
C VAL B 153 21.87 -0.25 -21.79
N THR B 154 22.72 -1.16 -21.31
CA THR B 154 23.41 -0.91 -20.05
C THR B 154 24.85 -0.53 -20.32
N VAL B 155 25.42 0.28 -19.43
CA VAL B 155 26.79 0.70 -19.61
C VAL B 155 27.53 0.87 -18.30
N THR B 156 28.66 0.19 -18.18
CA THR B 156 29.48 0.31 -16.99
C THR B 156 30.89 0.51 -17.47
N TRP B 157 31.73 1.08 -16.61
CA TRP B 157 33.13 1.31 -16.96
C TRP B 157 33.98 0.42 -16.09
N ASN B 158 34.99 -0.20 -16.69
CA ASN B 158 35.89 -1.08 -15.94
C ASN B 158 35.09 -2.09 -15.13
N SER B 159 34.14 -2.74 -15.80
CA SER B 159 33.30 -3.74 -15.16
C SER B 159 32.66 -3.27 -13.85
N GLY B 160 32.18 -2.03 -13.83
CA GLY B 160 31.56 -1.50 -12.62
C GLY B 160 32.57 -1.00 -11.61
N SER B 161 33.84 -1.24 -11.87
CA SER B 161 34.90 -0.80 -10.98
C SER B 161 34.87 0.72 -10.84
N LEU B 162 34.60 1.43 -11.95
CA LEU B 162 34.49 2.88 -11.94
C LEU B 162 33.01 3.23 -11.85
N SER B 163 32.60 3.78 -10.71
CA SER B 163 31.21 4.14 -10.51
C SER B 163 31.07 5.65 -10.32
N SER B 164 32.04 6.27 -9.68
CA SER B 164 32.01 7.72 -9.46
C SER B 164 32.35 8.45 -10.75
N GLY B 165 31.92 9.71 -10.84
CA GLY B 165 32.20 10.51 -12.01
C GLY B 165 31.70 9.99 -13.34
N VAL B 166 30.65 9.20 -13.32
CA VAL B 166 30.09 8.66 -14.55
C VAL B 166 28.76 9.36 -14.85
N HIS B 167 28.50 9.59 -16.14
CA HIS B 167 27.26 10.23 -16.58
C HIS B 167 26.75 9.53 -17.82
N THR B 168 25.84 8.58 -17.65
CA THR B 168 25.28 7.89 -18.81
C THR B 168 24.00 8.62 -19.20
N PHE B 169 23.95 9.09 -20.43
CA PHE B 169 22.80 9.83 -20.91
C PHE B 169 21.72 8.97 -21.56
N PRO B 170 20.46 9.42 -21.49
CA PRO B 170 19.27 8.78 -22.05
C PRO B 170 19.43 8.63 -23.55
N ALA B 171 18.94 7.53 -24.10
CA ALA B 171 19.04 7.32 -25.54
C ALA B 171 18.07 8.26 -26.28
N VAL B 172 18.33 8.47 -27.58
CA VAL B 172 17.47 9.31 -28.40
C VAL B 172 17.18 8.59 -29.71
N LEU B 173 16.05 8.94 -30.32
CA LEU B 173 15.65 8.32 -31.59
C LEU B 173 15.92 9.18 -32.83
N GLN B 174 15.87 8.51 -33.97
CA GLN B 174 16.06 9.12 -35.27
C GLN B 174 16.15 7.96 -36.25
N SER B 175 15.13 7.84 -37.09
CA SER B 175 15.08 6.76 -38.09
C SER B 175 14.87 5.44 -37.37
N ASP B 176 14.00 5.45 -36.36
CA ASP B 176 13.69 4.29 -35.55
C ASP B 176 14.93 3.50 -35.09
N LEU B 177 15.91 4.24 -34.59
CA LEU B 177 17.15 3.66 -34.08
C LEU B 177 17.63 4.53 -32.91
N TYR B 178 18.19 3.89 -31.90
CA TYR B 178 18.65 4.59 -30.71
C TYR B 178 20.13 4.92 -30.65
N SER B 179 20.42 6.07 -30.05
CA SER B 179 21.79 6.54 -29.85
C SER B 179 21.99 6.88 -28.37
N LEU B 180 22.99 6.25 -27.76
CA LEU B 180 23.29 6.46 -26.36
C LEU B 180 24.73 6.97 -26.19
N SER B 181 24.94 7.77 -25.16
CA SER B 181 26.24 8.36 -24.89
C SER B 181 26.63 8.21 -23.41
N SER B 182 27.91 7.92 -23.14
CA SER B 182 28.35 7.80 -21.75
C SER B 182 29.72 8.41 -21.50
N SER B 183 29.85 9.19 -20.43
CA SER B 183 31.14 9.77 -20.10
C SER B 183 31.59 9.32 -18.70
N VAL B 184 32.91 9.34 -18.50
CA VAL B 184 33.53 8.96 -17.25
C VAL B 184 34.69 9.93 -17.01
N THR B 185 34.86 10.38 -15.77
CA THR B 185 35.95 11.30 -15.44
C THR B 185 36.84 10.71 -14.36
N VAL B 186 38.12 10.55 -14.69
CA VAL B 186 39.08 9.97 -13.77
C VAL B 186 40.31 10.86 -13.69
N PRO B 187 41.12 10.70 -12.62
CA PRO B 187 42.33 11.52 -12.46
C PRO B 187 43.25 11.38 -13.68
N SER B 188 43.89 12.47 -14.08
CA SER B 188 44.79 12.41 -15.23
C SER B 188 45.95 11.45 -14.94
N SER B 189 46.15 11.13 -13.66
CA SER B 189 47.22 10.24 -13.26
C SER B 189 46.82 8.76 -13.27
N THR B 190 45.59 8.45 -13.68
CA THR B 190 45.17 7.04 -13.74
C THR B 190 45.04 6.61 -15.19
N TRP B 191 44.75 7.56 -16.07
CA TRP B 191 44.63 7.29 -17.51
C TRP B 191 45.56 8.29 -18.18
N PRO B 192 46.28 7.88 -19.22
CA PRO B 192 46.30 6.56 -19.87
C PRO B 192 47.20 5.47 -19.25
N SER B 193 47.80 5.72 -18.08
CA SER B 193 48.67 4.70 -17.50
C SER B 193 47.89 3.45 -17.09
N GLU B 194 46.59 3.60 -16.84
CA GLU B 194 45.75 2.47 -16.48
C GLU B 194 44.64 2.36 -17.53
N THR B 195 44.13 1.15 -17.73
CA THR B 195 43.10 0.94 -18.74
C THR B 195 41.67 1.34 -18.35
N VAL B 196 41.01 2.09 -19.23
CA VAL B 196 39.62 2.48 -18.98
C VAL B 196 38.80 1.84 -20.11
N THR B 197 37.99 0.87 -19.72
CA THR B 197 37.17 0.13 -20.65
C THR B 197 35.69 0.39 -20.49
N CYS B 198 35.02 0.52 -21.62
CA CYS B 198 33.58 0.75 -21.64
C CYS B 198 32.92 -0.60 -21.92
N ASN B 199 32.00 -1.05 -21.07
CA ASN B 199 31.31 -2.33 -21.32
C ASN B 199 29.83 -2.08 -21.57
N VAL B 200 29.42 -2.20 -22.83
CA VAL B 200 28.03 -1.98 -23.19
C VAL B 200 27.27 -3.31 -23.33
N ALA B 201 25.98 -3.29 -22.99
CA ALA B 201 25.15 -4.49 -23.08
C ALA B 201 23.77 -4.17 -23.68
N HIS B 202 23.32 -5.04 -24.58
CA HIS B 202 22.02 -4.88 -25.22
C HIS B 202 21.28 -6.20 -25.06
N PRO B 203 20.38 -6.28 -24.07
CA PRO B 203 19.61 -7.51 -23.82
C PRO B 203 18.90 -8.07 -25.05
N ALA B 204 18.08 -7.25 -25.69
CA ALA B 204 17.33 -7.67 -26.87
C ALA B 204 18.16 -8.48 -27.88
N SER B 205 19.39 -8.03 -28.13
CA SER B 205 20.28 -8.70 -29.07
C SER B 205 21.34 -9.56 -28.39
N SER B 206 21.25 -9.69 -27.07
CA SER B 206 22.22 -10.49 -26.33
C SER B 206 23.65 -10.09 -26.68
N THR B 207 23.96 -8.81 -26.52
CA THR B 207 25.28 -8.29 -26.84
C THR B 207 26.01 -7.73 -25.61
N LYS B 208 27.23 -8.21 -25.40
CA LYS B 208 28.07 -7.78 -24.30
C LYS B 208 29.37 -7.33 -24.94
N VAL B 209 29.47 -6.04 -25.27
CA VAL B 209 30.67 -5.52 -25.92
C VAL B 209 31.54 -4.61 -25.05
N ASP B 210 32.86 -4.89 -25.07
CA ASP B 210 33.84 -4.10 -24.31
C ASP B 210 34.65 -3.28 -25.31
N LYS B 211 35.09 -2.11 -24.88
CA LYS B 211 35.87 -1.24 -25.75
C LYS B 211 36.84 -0.42 -24.93
N LYS B 212 38.14 -0.67 -25.08
CA LYS B 212 39.13 0.11 -24.34
C LYS B 212 39.27 1.46 -25.04
N ILE B 213 39.57 2.49 -24.25
CA ILE B 213 39.77 3.85 -24.75
C ILE B 213 41.26 4.10 -24.91
N VAL B 214 41.75 4.03 -26.14
CA VAL B 214 43.17 4.26 -26.42
C VAL B 214 43.49 5.69 -26.78
N PRO B 215 44.50 6.29 -26.13
CA PRO B 215 44.86 7.67 -26.44
C PRO B 215 45.38 7.76 -27.87
N ASP C 1 -12.40 6.47 -8.85
CA ASP C 1 -12.36 5.21 -8.05
C ASP C 1 -11.17 5.28 -7.11
N ILE C 2 -11.24 6.27 -6.21
CA ILE C 2 -10.19 6.53 -5.24
C ILE C 2 -8.88 6.83 -5.94
N GLN C 3 -8.73 8.06 -6.43
CA GLN C 3 -7.50 8.44 -7.09
C GLN C 3 -6.81 9.39 -6.11
N LEU C 4 -5.50 9.33 -6.07
CA LEU C 4 -4.73 10.14 -5.15
C LEU C 4 -4.19 11.38 -5.83
N THR C 5 -4.14 12.47 -5.08
CA THR C 5 -3.64 13.74 -5.59
C THR C 5 -2.50 14.17 -4.68
N GLN C 6 -1.33 14.38 -5.24
CA GLN C 6 -0.18 14.78 -4.44
C GLN C 6 0.24 16.23 -4.69
N SER C 7 0.47 16.96 -3.60
CA SER C 7 0.90 18.34 -3.69
C SER C 7 2.12 18.49 -2.82
N PRO C 8 3.14 19.20 -3.30
CA PRO C 8 3.18 19.85 -4.62
C PRO C 8 3.40 18.80 -5.71
N ALA C 9 2.97 19.08 -6.94
CA ALA C 9 3.17 18.14 -8.02
C ALA C 9 4.66 18.14 -8.31
N LEU C 10 5.28 19.28 -8.03
CA LEU C 10 6.72 19.50 -8.22
C LEU C 10 7.15 20.58 -7.24
N MET C 11 8.27 20.36 -6.57
CA MET C 11 8.79 21.31 -5.60
C MET C 11 10.29 21.15 -5.39
N SER C 12 10.96 22.24 -5.05
CA SER C 12 12.39 22.24 -4.79
C SER C 12 12.60 22.72 -3.37
N ALA C 13 13.75 22.38 -2.80
CA ALA C 13 14.09 22.78 -1.45
C ALA C 13 15.61 22.98 -1.32
N SER C 14 16.02 23.64 -0.26
CA SER C 14 17.43 23.88 0.00
C SER C 14 17.87 22.80 0.96
N PRO C 15 19.18 22.50 1.02
CA PRO C 15 19.67 21.48 1.94
C PRO C 15 19.33 21.84 3.37
N GLY C 16 19.12 20.83 4.22
CA GLY C 16 18.80 21.10 5.61
C GLY C 16 17.38 21.59 5.83
N GLU C 17 16.65 21.89 4.75
CA GLU C 17 15.27 22.36 4.86
C GLU C 17 14.35 21.20 5.25
N LYS C 18 13.19 21.51 5.79
CA LYS C 18 12.22 20.50 6.18
C LYS C 18 11.14 20.39 5.12
N VAL C 19 11.33 19.48 4.16
CA VAL C 19 10.36 19.29 3.10
C VAL C 19 9.15 18.49 3.61
N THR C 20 8.04 18.55 2.88
CA THR C 20 6.84 17.83 3.26
C THR C 20 5.76 17.84 2.19
N MET C 21 5.59 16.71 1.49
CA MET C 21 4.58 16.61 0.45
C MET C 21 3.29 16.03 1.01
N THR C 22 2.23 16.04 0.20
CA THR C 22 0.91 15.58 0.63
C THR C 22 0.23 14.64 -0.35
N CYS C 23 -0.60 13.74 0.17
CA CYS C 23 -1.37 12.81 -0.65
C CYS C 23 -2.82 12.93 -0.22
N SER C 24 -3.68 13.30 -1.16
CA SER C 24 -5.09 13.44 -0.87
C SER C 24 -5.88 12.43 -1.67
N ALA C 25 -6.73 11.68 -0.98
CA ALA C 25 -7.54 10.65 -1.64
C ALA C 25 -8.99 11.08 -1.76
N SER C 26 -9.54 10.88 -2.97
CA SER C 26 -10.93 11.22 -3.23
C SER C 26 -11.80 10.56 -2.17
N SER C 27 -11.30 9.47 -1.59
CA SER C 27 -12.02 8.75 -0.57
C SER C 27 -11.12 8.25 0.57
N SER C 28 -11.75 7.67 1.59
CA SER C 28 -11.04 7.18 2.77
C SER C 28 -10.34 5.86 2.53
N VAL C 29 -9.13 5.78 3.07
CA VAL C 29 -8.30 4.60 2.94
C VAL C 29 -7.66 4.34 4.31
N THR C 30 -7.60 3.06 4.71
CA THR C 30 -7.06 2.70 6.02
C THR C 30 -5.56 2.99 6.17
N PHE C 31 -4.84 3.00 5.06
CA PHE C 31 -3.41 3.26 5.08
C PHE C 31 -2.96 3.88 3.77
N MET C 32 -1.74 4.41 3.78
CA MET C 32 -1.13 5.00 2.59
C MET C 32 0.30 4.47 2.52
N TYR C 33 0.79 4.19 1.32
CA TYR C 33 2.15 3.71 1.16
C TYR C 33 2.95 4.67 0.26
N TRP C 34 4.23 4.84 0.57
CA TRP C 34 5.09 5.71 -0.22
C TRP C 34 6.28 4.96 -0.81
N TYR C 35 6.56 5.24 -2.09
CA TYR C 35 7.67 4.63 -2.79
C TYR C 35 8.50 5.76 -3.37
N GLN C 36 9.79 5.52 -3.55
CA GLN C 36 10.71 6.51 -4.09
C GLN C 36 11.32 6.02 -5.40
N GLN C 37 11.50 6.92 -6.35
CA GLN C 37 12.09 6.54 -7.62
C GLN C 37 13.00 7.60 -8.23
N LYS C 38 14.08 7.11 -8.80
CA LYS C 38 15.04 7.96 -9.44
C LYS C 38 15.12 7.50 -10.89
N PRO C 39 15.20 8.46 -11.84
CA PRO C 39 15.28 8.19 -13.28
C PRO C 39 15.95 6.87 -13.68
N ARG C 40 15.27 6.10 -14.52
CA ARG C 40 15.82 4.84 -15.02
C ARG C 40 16.14 3.84 -13.91
N SER C 41 15.26 3.73 -12.92
CA SER C 41 15.43 2.81 -11.80
C SER C 41 14.07 2.33 -11.27
N SER C 42 14.07 1.20 -10.58
CA SER C 42 12.83 0.66 -10.04
C SER C 42 12.42 1.41 -8.80
N PRO C 43 11.11 1.58 -8.59
CA PRO C 43 10.81 2.31 -7.36
C PRO C 43 11.19 1.46 -6.14
N LYS C 44 11.46 2.12 -5.03
CA LYS C 44 11.83 1.41 -3.81
C LYS C 44 10.74 1.68 -2.79
N PRO C 45 10.45 0.73 -1.90
CA PRO C 45 9.39 1.06 -0.93
C PRO C 45 10.02 2.03 0.05
N TRP C 46 9.32 3.12 0.33
CA TRP C 46 9.88 4.10 1.26
C TRP C 46 9.17 4.02 2.62
N ILE C 47 7.85 3.97 2.59
CA ILE C 47 7.08 3.89 3.82
C ILE C 47 5.85 3.02 3.59
N TYR C 48 5.51 2.17 4.56
CA TYR C 48 4.33 1.32 4.42
C TYR C 48 3.40 1.48 5.62
N LEU C 49 2.14 1.08 5.46
CA LEU C 49 1.14 1.23 6.51
C LEU C 49 1.26 2.64 7.13
N THR C 50 1.04 3.65 6.30
CA THR C 50 1.07 5.05 6.69
C THR C 50 2.37 5.65 7.25
N SER C 51 2.95 5.04 8.28
CA SER C 51 4.13 5.62 8.87
C SER C 51 5.38 4.78 9.10
N ASN C 52 5.35 3.49 8.75
CA ASN C 52 6.53 2.63 8.93
C ASN C 52 7.60 2.88 7.87
N LEU C 53 8.84 3.03 8.32
CA LEU C 53 9.93 3.25 7.39
C LEU C 53 10.41 1.91 6.84
N ALA C 54 10.42 1.80 5.51
CA ALA C 54 10.87 0.59 4.84
C ALA C 54 12.37 0.46 5.12
N SER C 55 12.88 -0.77 5.09
CA SER C 55 14.30 -1.02 5.36
C SER C 55 15.22 -0.12 4.54
N GLY C 56 16.34 0.27 5.14
CA GLY C 56 17.32 1.11 4.47
C GLY C 56 16.95 2.58 4.45
N VAL C 57 15.68 2.88 4.70
CA VAL C 57 15.23 4.27 4.70
C VAL C 57 15.80 5.02 5.89
N PRO C 58 16.48 6.14 5.63
CA PRO C 58 17.10 6.98 6.66
C PRO C 58 16.10 7.64 7.59
N ALA C 59 16.55 7.90 8.83
CA ALA C 59 15.72 8.49 9.88
C ALA C 59 15.00 9.79 9.49
N ARG C 60 15.69 10.63 8.73
CA ARG C 60 15.13 11.91 8.29
C ARG C 60 13.66 11.85 7.88
N PHE C 61 13.25 10.70 7.34
CA PHE C 61 11.89 10.53 6.85
C PHE C 61 10.83 10.09 7.84
N SER C 62 9.59 10.37 7.47
CA SER C 62 8.42 9.99 8.27
C SER C 62 7.17 10.14 7.41
N GLY C 63 6.05 9.65 7.91
CA GLY C 63 4.79 9.76 7.18
C GLY C 63 3.65 9.75 8.17
N SER C 64 2.48 10.22 7.74
CA SER C 64 1.32 10.22 8.63
C SER C 64 0.05 10.71 7.95
N GLY C 65 -0.98 10.91 8.75
CA GLY C 65 -2.25 11.35 8.22
C GLY C 65 -3.28 10.26 8.39
N SER C 66 -4.41 10.38 7.68
CA SER C 66 -5.47 9.38 7.75
C SER C 66 -6.64 9.76 6.87
N GLY C 67 -7.69 8.94 6.93
CA GLY C 67 -8.86 9.18 6.13
C GLY C 67 -8.58 9.45 4.67
N THR C 68 -8.53 10.74 4.33
CA THR C 68 -8.32 11.16 2.93
C THR C 68 -7.08 12.02 2.73
N SER C 69 -6.46 12.45 3.82
CA SER C 69 -5.26 13.25 3.75
C SER C 69 -4.10 12.43 4.32
N TYR C 70 -2.91 12.62 3.76
CA TYR C 70 -1.69 11.93 4.21
C TYR C 70 -0.47 12.73 3.81
N SER C 71 0.67 12.46 4.45
CA SER C 71 1.87 13.22 4.13
C SER C 71 3.21 12.53 4.40
N LEU C 72 4.20 12.91 3.60
CA LEU C 72 5.57 12.40 3.72
C LEU C 72 6.45 13.60 4.06
N THR C 73 6.99 13.59 5.28
CA THR C 73 7.83 14.67 5.79
C THR C 73 9.32 14.27 5.85
N ILE C 74 10.18 15.20 5.46
CA ILE C 74 11.62 14.96 5.51
C ILE C 74 12.20 15.94 6.52
N SER C 75 12.68 15.39 7.64
CA SER C 75 13.29 16.19 8.71
C SER C 75 14.26 17.21 8.13
N SER C 76 15.44 16.74 7.70
CA SER C 76 16.47 17.60 7.13
C SER C 76 16.91 17.13 5.73
N MET C 77 16.40 17.79 4.69
CA MET C 77 16.72 17.42 3.30
C MET C 77 18.20 17.30 2.98
N GLU C 78 18.59 16.16 2.42
CA GLU C 78 19.96 15.91 2.01
C GLU C 78 19.94 15.87 0.49
N ALA C 79 21.11 15.73 -0.14
CA ALA C 79 21.21 15.70 -1.60
C ALA C 79 20.56 14.46 -2.24
N GLU C 80 20.74 13.30 -1.60
CA GLU C 80 20.19 12.04 -2.11
C GLU C 80 18.67 11.92 -2.09
N ASP C 81 18.02 12.79 -1.32
CA ASP C 81 16.56 12.76 -1.24
C ASP C 81 15.89 13.28 -2.50
N ALA C 82 16.70 13.77 -3.43
CA ALA C 82 16.21 14.30 -4.70
C ALA C 82 15.66 13.21 -5.59
N ALA C 83 14.34 13.13 -5.65
CA ALA C 83 13.69 12.11 -6.48
C ALA C 83 12.21 12.41 -6.61
N THR C 84 11.47 11.52 -7.27
CA THR C 84 10.04 11.64 -7.43
C THR C 84 9.46 10.62 -6.44
N TYR C 85 8.48 11.05 -5.65
CA TYR C 85 7.84 10.19 -4.66
C TYR C 85 6.37 9.92 -4.99
N TYR C 86 5.98 8.65 -5.01
CA TYR C 86 4.60 8.27 -5.30
C TYR C 86 3.91 7.67 -4.07
N CYS C 87 2.66 8.04 -3.82
CA CYS C 87 1.92 7.43 -2.72
C CYS C 87 0.96 6.44 -3.35
N GLN C 88 0.56 5.43 -2.58
CA GLN C 88 -0.36 4.43 -3.09
C GLN C 88 -1.35 3.97 -2.03
N GLN C 89 -2.57 3.71 -2.51
CA GLN C 89 -3.69 3.28 -1.69
C GLN C 89 -3.93 1.82 -1.98
N TRP C 90 -4.25 1.05 -0.94
CA TRP C 90 -4.49 -0.40 -1.11
C TRP C 90 -5.75 -0.80 -0.34
N SER C 91 -6.72 0.12 -0.30
CA SER C 91 -7.98 -0.11 0.39
C SER C 91 -9.06 -0.47 -0.62
N SER C 92 -8.73 -0.43 -1.91
CA SER C 92 -9.73 -0.70 -2.93
C SER C 92 -9.19 -0.83 -4.36
N ASN C 93 -9.59 -1.89 -5.05
CA ASN C 93 -9.16 -2.09 -6.41
C ASN C 93 -9.89 -1.08 -7.29
N PRO C 94 -9.18 -0.46 -8.25
CA PRO C 94 -7.76 -0.69 -8.52
C PRO C 94 -6.86 0.14 -7.59
N TYR C 95 -5.81 -0.50 -7.08
CA TYR C 95 -4.85 0.15 -6.19
C TYR C 95 -4.03 1.11 -7.03
N THR C 96 -4.47 2.35 -7.06
CA THR C 96 -3.87 3.39 -7.86
C THR C 96 -2.69 4.07 -7.17
N PHE C 97 -1.89 4.80 -7.95
CA PHE C 97 -0.76 5.54 -7.41
C PHE C 97 -1.12 7.03 -7.56
N GLY C 98 -0.42 7.90 -6.85
CA GLY C 98 -0.71 9.31 -6.99
C GLY C 98 0.02 9.82 -8.21
N GLY C 99 -0.06 11.13 -8.47
CA GLY C 99 0.65 11.68 -9.61
C GLY C 99 2.15 11.70 -9.38
N GLY C 100 2.53 11.79 -8.11
CA GLY C 100 3.93 11.82 -7.77
C GLY C 100 4.43 13.23 -7.57
N THR C 101 5.16 13.43 -6.48
CA THR C 101 5.73 14.72 -6.14
C THR C 101 7.20 14.65 -6.54
N LYS C 102 7.59 15.45 -7.54
CA LYS C 102 8.97 15.49 -8.02
C LYS C 102 9.73 16.45 -7.10
N LEU C 103 10.74 15.95 -6.39
CA LEU C 103 11.48 16.79 -5.46
C LEU C 103 12.88 17.15 -5.94
N GLU C 104 13.04 18.40 -6.38
CA GLU C 104 14.34 18.85 -6.87
C GLU C 104 15.11 19.52 -5.74
N LEU C 105 16.42 19.55 -5.86
CA LEU C 105 17.28 20.12 -4.83
C LEU C 105 17.86 21.47 -5.25
N LYS C 106 18.22 22.26 -4.25
CA LYS C 106 18.79 23.59 -4.49
C LYS C 106 20.26 23.58 -4.05
N ARG C 107 21.11 24.30 -4.79
CA ARG C 107 22.53 24.36 -4.48
C ARG C 107 23.21 25.49 -5.22
N ALA C 108 24.43 25.81 -4.82
CA ALA C 108 25.18 26.88 -5.48
C ALA C 108 25.28 26.62 -6.98
N ASP C 109 25.35 27.71 -7.74
CA ASP C 109 25.47 27.61 -9.19
C ASP C 109 26.85 27.02 -9.49
N ALA C 110 26.99 26.42 -10.67
CA ALA C 110 28.26 25.84 -11.06
C ALA C 110 28.41 25.91 -12.56
N ALA C 111 29.59 26.30 -13.02
CA ALA C 111 29.86 26.41 -14.44
C ALA C 111 30.04 25.00 -15.01
N PRO C 112 29.82 24.84 -16.32
CA PRO C 112 29.97 23.52 -16.95
C PRO C 112 31.36 23.16 -17.46
N THR C 113 31.74 21.90 -17.27
CA THR C 113 33.02 21.37 -17.73
C THR C 113 32.82 20.76 -19.11
N VAL C 114 33.14 21.53 -20.14
CA VAL C 114 32.96 21.09 -21.52
C VAL C 114 34.14 20.23 -22.02
N SER C 115 33.81 19.24 -22.83
CA SER C 115 34.79 18.31 -23.39
C SER C 115 34.30 17.92 -24.77
N ILE C 116 35.12 18.15 -25.79
CA ILE C 116 34.76 17.82 -27.17
C ILE C 116 35.52 16.58 -27.62
N PHE C 117 34.88 15.76 -28.45
CA PHE C 117 35.51 14.53 -28.92
C PHE C 117 35.36 14.28 -30.41
N PRO C 118 36.49 14.07 -31.11
CA PRO C 118 36.56 13.80 -32.56
C PRO C 118 36.12 12.38 -32.91
N PRO C 119 35.28 12.24 -33.95
CA PRO C 119 34.85 10.88 -34.30
C PRO C 119 36.04 9.92 -34.39
N SER C 120 35.84 8.72 -33.86
CA SER C 120 36.88 7.69 -33.83
C SER C 120 37.11 7.01 -35.16
N SER C 121 38.26 6.33 -35.25
CA SER C 121 38.64 5.60 -36.45
C SER C 121 37.63 4.51 -36.79
N GLU C 122 37.02 3.94 -35.76
CA GLU C 122 36.03 2.88 -35.94
C GLU C 122 34.77 3.33 -36.68
N GLN C 123 34.19 4.44 -36.23
CA GLN C 123 32.98 4.96 -36.87
C GLN C 123 33.24 5.44 -38.29
N LEU C 124 34.33 6.19 -38.46
CA LEU C 124 34.70 6.72 -39.77
C LEU C 124 34.78 5.64 -40.85
N THR C 125 35.50 4.57 -40.55
CA THR C 125 35.65 3.46 -41.49
C THR C 125 34.32 2.77 -41.75
N SER C 126 33.25 3.56 -41.71
CA SER C 126 31.89 3.09 -41.93
C SER C 126 31.07 4.21 -42.57
N GLY C 127 31.75 5.25 -43.03
CA GLY C 127 31.08 6.37 -43.66
C GLY C 127 30.39 7.29 -42.68
N GLY C 128 30.56 7.00 -41.40
CA GLY C 128 29.94 7.82 -40.37
C GLY C 128 30.94 8.60 -39.57
N ALA C 129 30.48 9.68 -38.97
CA ALA C 129 31.34 10.52 -38.17
C ALA C 129 30.52 11.34 -37.19
N SER C 130 30.65 11.02 -35.91
CA SER C 130 29.93 11.76 -34.89
C SER C 130 30.92 12.55 -34.06
N VAL C 131 30.49 13.71 -33.60
CA VAL C 131 31.32 14.54 -32.76
C VAL C 131 30.52 14.73 -31.48
N VAL C 132 31.06 14.29 -30.35
CA VAL C 132 30.34 14.43 -29.10
C VAL C 132 30.85 15.60 -28.30
N CYS C 133 30.01 16.13 -27.44
CA CYS C 133 30.40 17.24 -26.59
C CYS C 133 29.73 17.08 -25.21
N PHE C 134 30.54 16.94 -24.16
CA PHE C 134 30.04 16.76 -22.81
C PHE C 134 30.14 18.03 -21.96
N LEU C 135 29.02 18.48 -21.44
CA LEU C 135 29.01 19.66 -20.57
C LEU C 135 28.47 19.08 -19.26
N ASN C 136 29.37 18.63 -18.39
CA ASN C 136 28.97 17.99 -17.15
C ASN C 136 28.93 18.83 -15.89
N ASN C 137 28.14 18.36 -14.93
CA ASN C 137 28.05 19.00 -13.63
C ASN C 137 27.92 20.52 -13.61
N PHE C 138 26.77 21.03 -14.06
CA PHE C 138 26.52 22.46 -14.07
C PHE C 138 25.19 22.76 -13.39
N TYR C 139 25.06 23.99 -12.89
CA TYR C 139 23.84 24.41 -12.21
C TYR C 139 23.62 25.89 -12.49
N PRO C 140 22.37 26.31 -12.76
CA PRO C 140 21.14 25.50 -12.84
C PRO C 140 20.88 24.83 -14.19
N LYS C 141 19.78 24.10 -14.27
CA LYS C 141 19.39 23.38 -15.47
C LYS C 141 19.56 24.13 -16.79
N ASP C 142 19.00 25.33 -16.87
CA ASP C 142 19.05 26.17 -18.07
C ASP C 142 20.44 26.32 -18.69
N ILE C 143 20.63 25.72 -19.86
CA ILE C 143 21.90 25.79 -20.58
C ILE C 143 21.66 25.65 -22.08
N ASN C 144 22.42 26.41 -22.86
CA ASN C 144 22.29 26.40 -24.31
C ASN C 144 23.60 25.97 -24.98
N VAL C 145 23.49 25.10 -25.98
CA VAL C 145 24.66 24.61 -26.70
C VAL C 145 24.67 25.05 -28.16
N LYS C 146 25.87 25.23 -28.71
CA LYS C 146 26.05 25.65 -30.09
C LYS C 146 27.15 24.86 -30.79
N TRP C 147 26.88 24.43 -32.02
CA TRP C 147 27.87 23.70 -32.81
C TRP C 147 28.33 24.59 -33.96
N LYS C 148 29.59 24.47 -34.35
CA LYS C 148 30.15 25.26 -35.43
C LYS C 148 31.11 24.46 -36.32
N ILE C 149 31.00 24.66 -37.63
CA ILE C 149 31.88 23.98 -38.59
C ILE C 149 32.53 25.05 -39.46
N ASP C 150 33.77 25.41 -39.12
CA ASP C 150 34.52 26.44 -39.84
C ASP C 150 33.90 27.81 -39.55
N GLY C 151 33.89 28.17 -38.27
CA GLY C 151 33.35 29.45 -37.85
C GLY C 151 31.85 29.63 -38.06
N SER C 152 31.22 28.70 -38.75
CA SER C 152 29.79 28.80 -39.03
C SER C 152 28.94 27.88 -38.16
N GLU C 153 27.71 28.29 -37.87
CA GLU C 153 26.81 27.49 -37.05
C GLU C 153 26.18 26.34 -37.85
N ARG C 154 25.89 25.24 -37.17
CA ARG C 154 25.29 24.08 -37.80
C ARG C 154 24.20 23.54 -36.88
N GLN C 155 23.05 23.16 -37.43
CA GLN C 155 21.95 22.65 -36.62
C GLN C 155 21.26 21.39 -37.20
N ASN C 156 21.87 20.80 -38.23
CA ASN C 156 21.34 19.59 -38.87
C ASN C 156 22.11 18.37 -38.37
N GLY C 157 21.42 17.44 -37.72
CA GLY C 157 22.07 16.23 -37.23
C GLY C 157 22.61 16.33 -35.81
N VAL C 158 22.23 17.39 -35.10
CA VAL C 158 22.66 17.63 -33.73
C VAL C 158 21.61 17.12 -32.73
N LEU C 159 21.95 16.07 -32.00
CA LEU C 159 21.05 15.48 -31.02
C LEU C 159 21.51 15.71 -29.58
N ASN C 160 20.56 16.11 -28.75
CA ASN C 160 20.83 16.41 -27.34
C ASN C 160 20.13 15.45 -26.36
N SER C 161 20.71 15.34 -25.17
CA SER C 161 20.20 14.47 -24.12
C SER C 161 20.62 15.09 -22.79
N TRP C 162 19.74 15.00 -21.80
CA TRP C 162 20.00 15.57 -20.48
C TRP C 162 19.92 14.48 -19.41
N THR C 163 20.26 14.84 -18.19
CA THR C 163 20.20 13.92 -17.04
C THR C 163 19.67 14.76 -15.89
N ASP C 164 18.89 14.16 -15.00
CA ASP C 164 18.36 14.91 -13.87
C ASP C 164 19.48 15.16 -12.84
N GLN C 165 19.14 15.77 -11.72
CA GLN C 165 20.11 16.05 -10.68
C GLN C 165 20.90 14.83 -10.20
N ASP C 166 22.20 15.03 -10.03
CA ASP C 166 23.08 13.98 -9.57
C ASP C 166 22.85 13.79 -8.08
N SER C 167 22.71 12.55 -7.65
CA SER C 167 22.49 12.30 -6.23
C SER C 167 23.64 12.72 -5.30
N LYS C 168 24.82 12.94 -5.87
CA LYS C 168 25.95 13.35 -5.05
C LYS C 168 26.20 14.87 -5.09
N ASP C 169 26.45 15.44 -6.26
CA ASP C 169 26.71 16.88 -6.38
C ASP C 169 25.48 17.76 -6.71
N SER C 170 24.36 17.11 -7.01
CA SER C 170 23.13 17.83 -7.32
C SER C 170 23.19 18.71 -8.56
N THR C 171 24.04 18.34 -9.53
CA THR C 171 24.19 19.11 -10.76
C THR C 171 23.56 18.42 -11.95
N TYR C 172 23.63 19.04 -13.13
CA TYR C 172 23.07 18.47 -14.36
C TYR C 172 24.17 18.29 -15.42
N SER C 173 23.87 17.52 -16.46
CA SER C 173 24.84 17.30 -17.52
C SER C 173 24.07 17.01 -18.78
N MET C 174 24.65 17.30 -19.93
CA MET C 174 23.99 17.02 -21.19
C MET C 174 25.00 16.63 -22.25
N SER C 175 24.54 15.84 -23.21
CA SER C 175 25.42 15.39 -24.27
C SER C 175 24.85 15.73 -25.64
N SER C 176 25.62 16.48 -26.41
CA SER C 176 25.22 16.83 -27.75
C SER C 176 26.04 16.00 -28.71
N THR C 177 25.40 15.48 -29.73
CA THR C 177 26.08 14.65 -30.70
C THR C 177 25.84 15.11 -32.13
N LEU C 178 26.85 15.78 -32.70
CA LEU C 178 26.76 16.24 -34.07
C LEU C 178 27.19 15.09 -34.97
N THR C 179 26.24 14.56 -35.73
CA THR C 179 26.51 13.45 -36.61
C THR C 179 26.47 13.84 -38.10
N LEU C 180 27.55 13.52 -38.80
CA LEU C 180 27.70 13.81 -40.22
C LEU C 180 28.11 12.55 -40.97
N THR C 181 28.54 12.72 -42.23
CA THR C 181 28.99 11.60 -43.06
C THR C 181 30.52 11.67 -43.09
N LYS C 182 31.19 10.53 -43.28
CA LYS C 182 32.65 10.53 -43.34
C LYS C 182 33.06 11.61 -44.33
N ASP C 183 32.27 11.76 -45.39
CA ASP C 183 32.52 12.76 -46.41
C ASP C 183 32.15 14.16 -45.92
N GLU C 184 30.90 14.30 -45.49
CA GLU C 184 30.40 15.57 -44.97
C GLU C 184 31.35 16.13 -43.90
N TYR C 185 32.08 15.23 -43.25
CA TYR C 185 33.03 15.56 -42.19
C TYR C 185 34.45 15.85 -42.69
N GLU C 186 34.97 15.00 -43.58
CA GLU C 186 36.31 15.19 -44.12
C GLU C 186 36.41 16.33 -45.13
N ARG C 187 35.46 17.26 -45.08
CA ARG C 187 35.44 18.42 -45.97
C ARG C 187 35.54 19.74 -45.22
N HIS C 188 35.79 19.67 -43.91
CA HIS C 188 35.93 20.84 -43.06
C HIS C 188 37.04 20.51 -42.04
N ASN C 189 37.49 21.50 -41.25
CA ASN C 189 38.56 21.24 -40.29
C ASN C 189 38.37 21.75 -38.87
N SER C 190 37.59 22.81 -38.70
CA SER C 190 37.36 23.41 -37.38
C SER C 190 35.95 23.22 -36.81
N TYR C 191 35.77 22.14 -36.05
CA TYR C 191 34.48 21.87 -35.42
C TYR C 191 34.51 22.45 -34.02
N THR C 192 33.47 23.22 -33.66
CA THR C 192 33.42 23.84 -32.33
C THR C 192 32.12 23.60 -31.56
N CYS C 193 32.23 23.61 -30.25
CA CYS C 193 31.08 23.39 -29.37
C CYS C 193 31.00 24.57 -28.39
N GLU C 194 30.02 25.45 -28.60
CA GLU C 194 29.84 26.62 -27.73
C GLU C 194 28.63 26.43 -26.82
N ALA C 195 28.70 27.00 -25.62
CA ALA C 195 27.60 26.86 -24.68
C ALA C 195 27.52 28.01 -23.70
N THR C 196 26.43 28.77 -23.76
CA THR C 196 26.25 29.89 -22.84
C THR C 196 25.52 29.36 -21.60
N HIS C 197 25.85 29.92 -20.44
CA HIS C 197 25.25 29.49 -19.17
C HIS C 197 25.36 30.67 -18.21
N LYS C 198 24.34 30.86 -17.37
CA LYS C 198 24.32 32.00 -16.43
C LYS C 198 25.56 32.20 -15.54
N THR C 199 26.49 31.26 -15.58
CA THR C 199 27.72 31.36 -14.78
C THR C 199 28.75 32.17 -15.56
N SER C 200 28.45 32.42 -16.83
CA SER C 200 29.34 33.18 -17.69
C SER C 200 28.61 33.81 -18.87
N THR C 201 28.92 35.08 -19.14
CA THR C 201 28.33 35.81 -20.25
C THR C 201 28.93 35.27 -21.56
N SER C 202 30.26 35.23 -21.60
CA SER C 202 30.97 34.72 -22.78
C SER C 202 30.76 33.20 -22.85
N PRO C 203 30.25 32.69 -23.97
CA PRO C 203 30.04 31.25 -24.06
C PRO C 203 31.32 30.45 -23.82
N ILE C 204 31.17 29.27 -23.24
CA ILE C 204 32.31 28.39 -22.97
C ILE C 204 32.57 27.63 -24.27
N VAL C 205 33.76 27.81 -24.83
CA VAL C 205 34.11 27.17 -26.09
C VAL C 205 35.27 26.18 -26.05
N LYS C 206 34.97 24.96 -26.48
CA LYS C 206 35.94 23.87 -26.56
C LYS C 206 35.96 23.52 -28.06
N SER C 207 37.11 23.07 -28.57
CA SER C 207 37.18 22.75 -29.99
C SER C 207 38.48 22.05 -30.37
N PHE C 208 38.45 21.32 -31.49
CA PHE C 208 39.64 20.60 -31.98
C PHE C 208 39.76 20.74 -33.51
N ASN C 209 40.92 20.40 -34.05
CA ASN C 209 41.18 20.45 -35.50
C ASN C 209 41.96 19.23 -35.97
N ARG C 210 41.96 19.00 -37.28
CA ARG C 210 42.67 17.86 -37.83
C ARG C 210 43.97 18.31 -38.51
N ASN C 211 43.89 18.94 -39.58
C1 NAG D . -14.59 -7.87 35.00
C2 NAG D . -15.66 -8.88 35.35
C3 NAG D . -16.71 -8.24 36.24
C4 NAG D . -16.05 -7.63 37.48
C5 NAG D . -14.86 -6.72 37.10
C6 NAG D . -14.04 -6.34 38.32
C7 NAG D . -16.18 -10.68 33.90
C8 NAG D . -17.47 -11.45 33.64
N2 NAG D . -16.28 -9.40 34.15
O3 NAG D . -17.64 -9.22 36.66
O4 NAG D . -17.03 -6.86 38.18
O5 NAG D . -13.95 -7.41 36.19
O6 NAG D . -14.70 -5.34 39.08
O7 NAG D . -15.10 -11.27 33.89
C1 NAG D . -17.13 -7.04 39.56
C2 NAG D . -17.92 -5.88 40.17
C3 NAG D . -18.06 -6.12 41.68
C4 NAG D . -18.73 -7.46 41.91
C5 NAG D . -17.92 -8.57 41.23
C6 NAG D . -18.55 -9.94 41.37
C7 NAG D . -17.72 -3.47 40.31
C8 NAG D . -19.00 -2.98 39.64
N2 NAG D . -17.23 -4.63 39.89
O3 NAG D . -18.82 -5.08 42.27
O4 NAG D . -18.87 -7.72 43.30
O5 NAG D . -17.80 -8.29 39.81
O6 NAG D . -19.84 -9.84 41.96
O7 NAG D . -17.18 -2.79 41.16
C1 NAG E . 9.31 -10.49 32.84
C2 NAG E . 10.34 -9.39 32.53
C3 NAG E . 11.76 -9.97 32.52
C4 NAG E . 12.04 -10.76 33.81
C5 NAG E . 10.94 -11.82 34.01
C6 NAG E . 11.08 -12.66 35.27
C7 NAG E . 10.23 -7.53 30.98
C8 NAG E . 10.88 -7.16 29.65
N2 NAG E . 10.03 -8.83 31.22
O3 NAG E . 12.70 -8.92 32.40
O4 NAG E . 13.32 -11.40 33.71
O5 NAG E . 9.66 -11.18 34.06
O6 NAG E . 10.86 -11.91 36.46
O7 NAG E . 9.89 -6.63 31.76
C1 NAG E . 14.19 -11.31 34.80
C2 NAG E . 15.41 -12.24 34.56
C3 NAG E . 16.56 -11.96 35.54
C4 NAG E . 16.86 -10.46 35.65
C5 NAG E . 15.57 -9.73 35.98
C6 NAG E . 15.76 -8.24 36.12
C7 NAG E . 15.00 -14.44 33.62
C8 NAG E . 14.07 -14.12 32.47
N2 NAG E . 14.98 -13.63 34.68
O3 NAG E . 17.73 -12.63 35.12
O4 NAG E . 17.84 -10.22 36.64
O5 NAG E . 14.61 -9.94 34.91
O6 NAG E . 14.70 -7.52 35.51
O7 NAG E . 15.73 -15.44 33.57
CA CA F . -12.58 -1.77 22.30
CA CA G . -11.79 -4.34 30.78
#